data_2B81
#
_entry.id   2B81
#
_cell.length_a   138.466
_cell.length_b   159.942
_cell.length_c   172.914
_cell.angle_alpha   90.00
_cell.angle_beta   90.00
_cell.angle_gamma   90.00
#
_symmetry.space_group_name_H-M   'P 21 21 21'
#
loop_
_entity.id
_entity.type
_entity.pdbx_description
1 polymer 'Luciferase-like monooxygenase'
2 non-polymer 'SULFATE ION'
3 non-polymer '2-(N-MORPHOLINO)-ETHANESULFONIC ACID'
4 non-polymer GLYCEROL
5 water water
#
_entity_poly.entity_id   1
_entity_poly.type   'polypeptide(L)'
_entity_poly.pdbx_seq_one_letter_code
;SNA(MSE)KH(MSE)EKFANHFGYNR(MSE)FAKDQLTLGVHIPIENYQFHAPT(MSE)EKQVELVQKAEQYGFTGVWLR
DVLLQDPDFGDPATGQIYD(MSE)(MSE)IYLTYLASKTEKIAFGTSATVLSLRHPLRVAKEIATLDQLFPERI(MSE)L
GVSSGDRRADFKALGVSHETRGEKFREAFAYLEEILYKNFPSIQSTLGEVHGANLVPKPSKRVPTFITGFSQQN(MSE)E
WFAEHGDGW(MSE)YYPRSPVHQAGAIGQWRELVEDYHPDVFKPFIQP(MSE)HLDLSEDPNERPTPIRLGYRTGRKALI
ELLDIYKSIGVNHLFLALFDGQRPADEVLDELGEEVLPHFPAL
;
_entity_poly.pdbx_strand_id   A,B,C,D
#
# COMPACT_ATOMS: atom_id res chain seq x y z
N GLU A 8 28.86 -32.18 -23.97
CA GLU A 8 29.91 -31.36 -23.40
C GLU A 8 29.47 -29.89 -23.55
N LYS A 9 28.17 -29.63 -23.35
CA LYS A 9 27.64 -28.29 -23.59
C LYS A 9 28.23 -27.21 -22.69
N PHE A 10 28.45 -27.53 -21.42
CA PHE A 10 29.06 -26.59 -20.48
C PHE A 10 30.38 -27.10 -19.92
N ALA A 11 31.09 -27.84 -20.75
CA ALA A 11 32.28 -28.58 -20.31
C ALA A 11 33.33 -27.64 -19.76
N ASN A 12 33.37 -26.43 -20.31
CA ASN A 12 34.32 -25.43 -19.84
C ASN A 12 33.71 -24.13 -19.36
N HIS A 13 32.51 -24.23 -18.77
CA HIS A 13 31.81 -23.06 -18.23
C HIS A 13 32.07 -22.96 -16.73
N PHE A 14 32.82 -21.96 -16.32
CA PHE A 14 33.27 -21.84 -14.96
C PHE A 14 32.16 -21.91 -13.90
N GLY A 15 31.13 -21.07 -14.05
CA GLY A 15 30.06 -20.97 -13.07
C GLY A 15 29.23 -22.22 -13.01
N TYR A 16 28.94 -22.80 -14.16
CA TYR A 16 28.13 -24.00 -14.22
C TYR A 16 28.84 -25.15 -13.51
N ASN A 17 30.11 -25.35 -13.80
CA ASN A 17 30.82 -26.48 -13.23
C ASN A 17 31.15 -26.30 -11.77
N ARG A 18 31.25 -25.07 -11.31
CA ARG A 18 31.44 -24.82 -9.90
C ARG A 18 30.15 -25.15 -9.14
N PHE A 20 27.35 -27.22 -10.42
CA PHE A 20 26.58 -28.39 -10.86
C PHE A 20 27.43 -29.61 -11.21
N ALA A 21 27.05 -30.76 -10.68
CA ALA A 21 27.60 -32.07 -11.08
C ALA A 21 26.59 -33.14 -10.67
N LYS A 22 26.51 -34.18 -11.48
CA LYS A 22 25.61 -35.31 -11.21
C LYS A 22 25.91 -35.85 -9.82
N ASP A 23 24.86 -35.98 -8.99
CA ASP A 23 24.97 -36.50 -7.62
C ASP A 23 25.66 -35.59 -6.61
N GLN A 24 26.07 -34.41 -7.02
CA GLN A 24 26.57 -33.42 -6.07
C GLN A 24 25.49 -32.37 -5.78
N LEU A 25 25.61 -31.71 -4.64
CA LEU A 25 24.75 -30.59 -4.31
C LEU A 25 25.59 -29.41 -3.82
N THR A 26 25.30 -28.20 -4.34
CA THR A 26 25.94 -27.00 -3.82
C THR A 26 24.87 -26.05 -3.26
N LEU A 27 25.31 -25.07 -2.48
CA LEU A 27 24.37 -24.18 -1.82
C LEU A 27 24.49 -22.78 -2.39
N GLY A 28 23.36 -22.09 -2.42
CA GLY A 28 23.32 -20.72 -2.85
C GLY A 28 22.48 -19.92 -1.88
N VAL A 29 22.35 -18.63 -2.17
CA VAL A 29 21.69 -17.74 -1.25
C VAL A 29 20.74 -16.84 -2.02
N HIS A 30 19.64 -16.45 -1.39
CA HIS A 30 18.60 -15.67 -2.03
C HIS A 30 18.68 -14.21 -1.57
N ILE A 31 18.64 -13.25 -2.49
CA ILE A 31 18.59 -11.83 -2.14
C ILE A 31 17.13 -11.50 -1.86
N PRO A 32 16.83 -10.64 -0.86
CA PRO A 32 17.70 -9.96 0.12
C PRO A 32 18.20 -10.92 1.18
N ILE A 33 19.51 -10.89 1.43
CA ILE A 33 20.06 -11.63 2.55
C ILE A 33 19.77 -10.81 3.79
N GLU A 34 18.57 -11.00 4.33
CA GLU A 34 18.06 -10.17 5.41
C GLU A 34 16.79 -10.86 5.95
N ASN A 35 16.59 -10.81 7.27
CA ASN A 35 15.40 -11.41 7.86
C ASN A 35 14.29 -10.38 8.07
N TYR A 36 13.86 -9.76 6.98
CA TYR A 36 12.92 -8.67 7.04
C TYR A 36 11.52 -9.10 7.48
N GLN A 37 11.23 -10.39 7.36
CA GLN A 37 9.96 -10.94 7.84
C GLN A 37 8.75 -10.23 7.22
N PHE A 38 8.08 -9.38 8.00
CA PHE A 38 6.84 -8.74 7.57
C PHE A 38 6.97 -7.31 7.05
N HIS A 39 8.12 -6.69 7.28
N HIS A 39 8.12 -6.70 7.28
CA HIS A 39 8.36 -5.30 6.88
CA HIS A 39 8.40 -5.34 6.87
C HIS A 39 9.27 -5.31 5.65
C HIS A 39 9.29 -5.33 5.62
N ALA A 40 9.24 -4.22 4.87
CA ALA A 40 10.10 -4.05 3.71
C ALA A 40 11.54 -4.13 4.19
N PRO A 41 12.42 -4.77 3.41
CA PRO A 41 13.81 -4.84 3.82
C PRO A 41 14.53 -3.50 3.70
N THR A 42 15.50 -3.26 4.58
CA THR A 42 16.34 -2.06 4.53
C THR A 42 17.35 -2.14 3.39
N GLU A 44 20.28 -3.03 3.64
CA GLU A 44 21.61 -2.76 4.19
C GLU A 44 22.56 -3.95 4.09
N LYS A 45 23.85 -3.66 3.92
CA LYS A 45 24.92 -4.67 4.02
C LYS A 45 24.89 -5.78 2.95
N GLN A 46 24.08 -5.61 1.91
CA GLN A 46 23.99 -6.65 0.89
C GLN A 46 25.31 -6.93 0.14
N VAL A 47 26.07 -5.90 -0.20
CA VAL A 47 27.37 -6.11 -0.79
C VAL A 47 28.32 -6.91 0.13
N GLU A 48 28.39 -6.51 1.41
N GLU A 48 28.38 -6.52 1.41
CA GLU A 48 29.19 -7.20 2.41
CA GLU A 48 29.20 -7.19 2.41
C GLU A 48 28.81 -8.69 2.47
C GLU A 48 28.82 -8.67 2.55
N LEU A 49 27.51 -8.95 2.59
CA LEU A 49 27.03 -10.32 2.74
C LEU A 49 27.22 -11.19 1.51
N VAL A 50 27.14 -10.57 0.34
CA VAL A 50 27.31 -11.34 -0.90
C VAL A 50 28.78 -11.72 -1.03
N GLN A 51 29.65 -10.80 -0.60
CA GLN A 51 31.10 -11.04 -0.55
C GLN A 51 31.44 -12.14 0.44
N LYS A 52 30.79 -12.11 1.60
CA LYS A 52 30.95 -13.20 2.55
C LYS A 52 30.42 -14.53 2.01
N ALA A 53 29.26 -14.51 1.39
CA ALA A 53 28.72 -15.72 0.75
C ALA A 53 29.74 -16.30 -0.25
N GLU A 54 30.39 -15.42 -0.99
CA GLU A 54 31.41 -15.86 -1.92
C GLU A 54 32.60 -16.52 -1.19
N GLN A 55 33.09 -15.84 -0.14
N GLN A 55 33.09 -15.87 -0.14
CA GLN A 55 34.20 -16.33 0.67
CA GLN A 55 34.24 -16.38 0.62
C GLN A 55 33.88 -17.73 1.18
C GLN A 55 33.92 -17.71 1.31
N TYR A 56 32.67 -17.89 1.70
CA TYR A 56 32.23 -19.12 2.33
C TYR A 56 32.06 -20.30 1.37
N GLY A 57 31.93 -20.04 0.08
CA GLY A 57 31.77 -21.14 -0.89
C GLY A 57 30.37 -21.39 -1.43
N PHE A 58 29.43 -20.47 -1.15
CA PHE A 58 28.15 -20.48 -1.84
C PHE A 58 28.46 -20.29 -3.32
N THR A 59 27.77 -21.04 -4.18
CA THR A 59 28.07 -21.04 -5.61
C THR A 59 27.17 -20.11 -6.42
N GLY A 60 26.08 -19.63 -5.83
CA GLY A 60 25.20 -18.72 -6.53
C GLY A 60 24.37 -17.82 -5.66
N VAL A 61 24.02 -16.67 -6.22
CA VAL A 61 23.18 -15.66 -5.59
C VAL A 61 21.95 -15.45 -6.47
N TRP A 62 20.76 -15.44 -5.91
CA TRP A 62 19.57 -15.39 -6.77
C TRP A 62 18.65 -14.19 -6.51
N LEU A 63 18.12 -13.63 -7.59
CA LEU A 63 17.16 -12.52 -7.50
C LEU A 63 15.86 -12.83 -8.21
N ARG A 64 14.81 -12.08 -7.87
CA ARG A 64 13.48 -12.18 -8.49
C ARG A 64 13.16 -10.95 -9.35
N ASP A 65 12.19 -11.11 -10.24
CA ASP A 65 11.91 -10.15 -11.28
C ASP A 65 10.53 -9.56 -11.03
N VAL A 66 10.49 -8.41 -10.37
CA VAL A 66 9.22 -7.83 -9.92
C VAL A 66 9.22 -6.31 -10.08
N LEU A 67 8.25 -5.80 -10.82
CA LEU A 67 8.18 -4.39 -11.01
C LEU A 67 7.45 -3.68 -9.89
N LEU A 68 6.20 -4.06 -9.62
CA LEU A 68 5.38 -3.24 -8.74
C LEU A 68 5.13 -3.84 -7.35
N GLN A 69 5.13 -2.97 -6.35
CA GLN A 69 4.60 -3.31 -5.04
C GLN A 69 3.11 -3.54 -5.19
N ASP A 70 2.69 -4.77 -4.92
CA ASP A 70 1.30 -5.14 -4.96
C ASP A 70 0.87 -5.72 -3.62
N PRO A 71 0.11 -4.94 -2.83
CA PRO A 71 -0.28 -5.32 -1.47
C PRO A 71 -0.94 -6.68 -1.38
N ASP A 72 -1.69 -7.07 -2.40
CA ASP A 72 -2.41 -8.36 -2.38
C ASP A 72 -1.51 -9.54 -2.63
N PHE A 73 -0.27 -9.32 -3.04
CA PHE A 73 0.58 -10.44 -3.40
C PHE A 73 1.21 -11.10 -2.16
N GLY A 74 1.43 -10.29 -1.12
CA GLY A 74 2.00 -10.81 0.12
C GLY A 74 3.51 -10.95 0.08
N ASP A 75 4.17 -10.00 -0.59
CA ASP A 75 5.62 -10.00 -0.65
C ASP A 75 6.13 -8.66 -0.19
N PRO A 76 6.58 -8.57 1.06
CA PRO A 76 7.03 -7.28 1.63
C PRO A 76 8.27 -6.74 0.90
N ALA A 77 9.03 -7.61 0.26
CA ALA A 77 10.26 -7.23 -0.41
C ALA A 77 10.07 -6.75 -1.85
N THR A 78 8.91 -7.01 -2.44
CA THR A 78 8.66 -6.73 -3.85
C THR A 78 9.87 -7.20 -4.68
N GLY A 79 10.15 -8.50 -4.62
CA GLY A 79 11.39 -9.05 -5.14
C GLY A 79 12.58 -8.68 -4.23
N GLN A 80 13.26 -7.59 -4.55
CA GLN A 80 14.26 -7.07 -3.65
C GLN A 80 14.31 -5.56 -3.79
N ILE A 81 13.11 -4.97 -3.98
CA ILE A 81 12.90 -3.52 -4.20
C ILE A 81 13.53 -3.03 -5.51
N TYR A 82 14.85 -3.19 -5.63
CA TYR A 82 15.60 -2.81 -6.81
C TYR A 82 15.30 -3.68 -8.03
N ASP A 83 15.38 -3.10 -9.23
CA ASP A 83 15.27 -3.88 -10.49
C ASP A 83 16.27 -5.01 -10.51
N ILE A 86 19.48 -4.49 -13.02
CA ILE A 86 20.36 -3.47 -12.51
C ILE A 86 21.10 -3.90 -11.22
N TYR A 87 20.38 -4.53 -10.28
CA TYR A 87 20.98 -4.87 -9.00
C TYR A 87 21.96 -6.03 -9.14
N LEU A 88 21.60 -6.98 -9.99
CA LEU A 88 22.49 -8.08 -10.34
C LEU A 88 23.82 -7.50 -10.84
N THR A 89 23.77 -6.60 -11.82
CA THR A 89 24.98 -5.97 -12.33
C THR A 89 25.81 -5.40 -11.19
N TYR A 90 25.13 -4.70 -10.30
CA TYR A 90 25.78 -4.01 -9.20
C TYR A 90 26.47 -4.96 -8.21
N LEU A 91 25.76 -6.01 -7.80
CA LEU A 91 26.33 -6.99 -6.89
C LEU A 91 27.43 -7.79 -7.57
N ALA A 92 27.24 -8.12 -8.85
CA ALA A 92 28.29 -8.86 -9.58
C ALA A 92 29.55 -8.00 -9.72
N SER A 93 29.37 -6.68 -9.86
CA SER A 93 30.52 -5.79 -9.94
C SER A 93 31.34 -5.75 -8.65
N LYS A 94 30.79 -6.20 -7.53
CA LYS A 94 31.50 -6.21 -6.25
C LYS A 94 32.02 -7.60 -5.83
N THR A 95 31.86 -8.61 -6.68
CA THR A 95 32.35 -9.95 -6.37
C THR A 95 33.22 -10.50 -7.51
N GLU A 96 33.98 -11.54 -7.23
CA GLU A 96 34.98 -12.03 -8.20
C GLU A 96 34.62 -13.33 -8.90
N LYS A 97 33.72 -14.13 -8.33
CA LYS A 97 33.56 -15.50 -8.83
C LYS A 97 32.22 -16.19 -8.63
N ILE A 98 31.51 -15.90 -7.55
CA ILE A 98 30.17 -16.45 -7.31
C ILE A 98 29.22 -16.18 -8.51
N ALA A 99 28.43 -17.17 -8.89
CA ALA A 99 27.48 -17.00 -9.98
C ALA A 99 26.30 -16.16 -9.52
N PHE A 100 25.70 -15.43 -10.45
CA PHE A 100 24.42 -14.77 -10.20
C PHE A 100 23.38 -15.35 -11.11
N GLY A 101 22.21 -15.59 -10.52
CA GLY A 101 21.13 -16.24 -11.21
C GLY A 101 19.87 -15.43 -11.09
N THR A 102 19.05 -15.50 -12.13
CA THR A 102 17.73 -14.90 -12.11
C THR A 102 16.70 -15.98 -11.77
N SER A 103 15.85 -15.66 -10.80
CA SER A 103 14.86 -16.61 -10.36
C SER A 103 13.50 -15.94 -10.18
N ALA A 104 12.85 -15.54 -11.28
CA ALA A 104 13.24 -15.88 -12.64
C ALA A 104 12.94 -14.72 -13.60
N THR A 105 13.68 -14.66 -14.69
CA THR A 105 13.41 -13.69 -15.73
C THR A 105 12.09 -14.06 -16.40
N VAL A 106 11.12 -13.15 -16.35
CA VAL A 106 9.77 -13.41 -16.86
C VAL A 106 9.68 -13.14 -18.37
N LEU A 107 9.81 -14.19 -19.17
CA LEU A 107 9.88 -14.06 -20.62
C LEU A 107 8.57 -13.59 -21.23
N SER A 108 7.47 -13.69 -20.50
CA SER A 108 6.24 -13.15 -21.04
C SER A 108 6.09 -11.65 -20.75
N LEU A 109 7.04 -11.08 -20.02
CA LEU A 109 6.94 -9.71 -19.53
C LEU A 109 8.17 -8.83 -19.91
N ARG A 110 9.28 -9.48 -20.22
CA ARG A 110 10.47 -8.81 -20.76
C ARG A 110 10.63 -9.29 -22.21
N HIS A 111 10.82 -8.36 -23.13
CA HIS A 111 10.95 -8.74 -24.54
C HIS A 111 12.19 -9.61 -24.71
N PRO A 112 12.07 -10.71 -25.48
CA PRO A 112 13.25 -11.59 -25.60
C PRO A 112 14.50 -10.86 -26.09
N LEU A 113 14.34 -9.81 -26.91
CA LEU A 113 15.50 -9.09 -27.39
C LEU A 113 16.21 -8.30 -26.28
N ARG A 114 15.43 -7.68 -25.38
CA ARG A 114 16.00 -6.98 -24.21
C ARG A 114 16.67 -7.97 -23.25
N VAL A 115 16.01 -9.10 -23.00
CA VAL A 115 16.59 -10.18 -22.22
C VAL A 115 17.91 -10.61 -22.83
N ALA A 116 17.93 -10.90 -24.13
CA ALA A 116 19.18 -11.27 -24.79
C ALA A 116 20.23 -10.19 -24.66
N LYS A 117 19.89 -8.93 -24.87
CA LYS A 117 20.91 -7.88 -24.85
C LYS A 117 21.53 -7.78 -23.46
N GLU A 118 20.67 -7.78 -22.45
CA GLU A 118 21.08 -7.59 -21.06
C GLU A 118 21.91 -8.76 -20.54
N ILE A 119 21.46 -9.98 -20.81
CA ILE A 119 22.21 -11.19 -20.46
C ILE A 119 23.54 -11.25 -21.20
N ALA A 120 23.54 -10.94 -22.49
CA ALA A 120 24.78 -10.94 -23.24
C ALA A 120 25.75 -9.88 -22.71
N THR A 121 25.23 -8.72 -22.31
CA THR A 121 26.10 -7.72 -21.70
C THR A 121 26.70 -8.22 -20.36
N LEU A 122 25.85 -8.84 -19.54
CA LEU A 122 26.25 -9.32 -18.24
C LEU A 122 27.32 -10.41 -18.37
N ASP A 123 27.16 -11.27 -19.35
CA ASP A 123 28.15 -12.32 -19.57
C ASP A 123 29.47 -11.77 -20.12
N GLN A 124 29.41 -10.68 -20.87
CA GLN A 124 30.62 -10.00 -21.31
C GLN A 124 31.36 -9.37 -20.13
N LEU A 125 30.62 -8.70 -19.25
CA LEU A 125 31.22 -8.05 -18.08
C LEU A 125 31.65 -9.06 -17.00
N PHE A 126 30.90 -10.15 -16.86
CA PHE A 126 31.15 -11.16 -15.82
C PHE A 126 31.13 -12.55 -16.43
N PRO A 127 32.12 -12.86 -17.26
CA PRO A 127 32.11 -14.08 -18.05
C PRO A 127 31.86 -15.33 -17.22
N GLU A 128 30.90 -16.13 -17.67
CA GLU A 128 30.63 -17.46 -17.13
C GLU A 128 30.11 -17.44 -15.70
N ARG A 129 29.46 -16.33 -15.31
CA ARG A 129 28.95 -16.18 -13.95
C ARG A 129 27.46 -15.87 -13.95
N ILE A 130 26.79 -16.07 -15.08
CA ILE A 130 25.38 -15.72 -15.23
C ILE A 130 24.50 -16.95 -15.52
N LEU A 132 20.60 -18.06 -16.25
CA LEU A 132 19.36 -17.49 -16.69
C LEU A 132 18.22 -18.45 -16.34
N GLY A 133 17.67 -18.26 -15.13
CA GLY A 133 16.38 -18.84 -14.77
C GLY A 133 15.31 -18.05 -15.49
N VAL A 134 14.31 -18.75 -16.00
CA VAL A 134 13.36 -18.17 -16.95
C VAL A 134 11.95 -18.66 -16.62
N SER A 135 10.94 -17.80 -16.74
CA SER A 135 9.56 -18.24 -16.43
C SER A 135 8.45 -17.47 -17.14
N SER A 136 7.22 -17.97 -17.03
CA SER A 136 6.08 -17.31 -17.68
C SER A 136 5.36 -16.30 -16.77
N GLY A 137 5.75 -16.25 -15.50
CA GLY A 137 5.35 -15.15 -14.60
C GLY A 137 4.08 -15.31 -13.79
N ASP A 138 3.98 -14.56 -12.70
CA ASP A 138 2.80 -14.63 -11.82
C ASP A 138 2.42 -13.34 -11.08
N ARG A 139 3.17 -12.26 -11.28
CA ARG A 139 2.76 -11.00 -10.68
C ARG A 139 1.70 -10.30 -11.54
N ARG A 140 0.43 -10.48 -11.17
CA ARG A 140 -0.69 -9.96 -11.97
C ARG A 140 -0.61 -8.47 -12.21
N ALA A 141 -0.20 -7.72 -11.20
CA ALA A 141 -0.09 -6.27 -11.35
C ALA A 141 0.92 -5.88 -12.42
N ASP A 142 1.96 -6.72 -12.62
CA ASP A 142 2.98 -6.45 -13.66
C ASP A 142 2.38 -6.62 -15.05
N PHE A 143 1.70 -7.75 -15.29
CA PHE A 143 0.94 -8.01 -16.51
C PHE A 143 0.05 -6.83 -16.89
N LYS A 144 -0.76 -6.36 -15.94
N LYS A 144 -0.75 -6.33 -15.95
CA LYS A 144 -1.68 -5.24 -16.14
CA LYS A 144 -1.68 -5.23 -16.24
C LYS A 144 -0.94 -3.98 -16.56
C LYS A 144 -1.01 -3.89 -16.50
N ALA A 145 0.12 -3.66 -15.84
CA ALA A 145 0.83 -2.39 -16.00
C ALA A 145 1.60 -2.35 -17.31
N LEU A 146 1.99 -3.53 -17.80
CA LEU A 146 2.77 -3.67 -19.03
C LEU A 146 1.88 -3.95 -20.24
N GLY A 147 0.58 -4.09 -20.01
CA GLY A 147 -0.41 -4.39 -21.05
C GLY A 147 -0.25 -5.77 -21.64
N VAL A 148 0.13 -6.74 -20.83
CA VAL A 148 0.31 -8.10 -21.33
C VAL A 148 -0.77 -8.95 -20.72
N SER A 149 -1.38 -9.79 -21.55
CA SER A 149 -2.42 -10.72 -21.10
C SER A 149 -1.83 -11.89 -20.34
N HIS A 150 -2.28 -12.04 -19.09
CA HIS A 150 -1.89 -13.12 -18.20
C HIS A 150 -2.40 -14.48 -18.70
N GLU A 151 -3.63 -14.52 -19.20
CA GLU A 151 -4.24 -15.74 -19.68
C GLU A 151 -3.38 -16.44 -20.72
N THR A 152 -2.79 -15.67 -21.64
CA THR A 152 -2.06 -16.25 -22.76
C THR A 152 -0.56 -16.35 -22.53
N ARG A 153 -0.12 -16.26 -21.28
CA ARG A 153 1.30 -16.19 -20.96
C ARG A 153 2.09 -17.42 -21.37
N GLY A 154 1.44 -18.58 -21.40
CA GLY A 154 2.11 -19.83 -21.77
C GLY A 154 2.51 -19.85 -23.23
N GLU A 155 1.61 -19.30 -24.05
N GLU A 155 1.66 -19.32 -24.10
CA GLU A 155 1.79 -19.16 -25.50
CA GLU A 155 1.98 -19.28 -25.53
C GLU A 155 2.97 -18.21 -25.73
C GLU A 155 3.05 -18.20 -25.74
N LYS A 156 2.93 -17.08 -25.03
CA LYS A 156 3.94 -16.05 -25.13
C LYS A 156 5.29 -16.53 -24.62
N PHE A 157 5.28 -17.36 -23.60
CA PHE A 157 6.50 -17.91 -23.08
C PHE A 157 7.23 -18.78 -24.13
N ARG A 158 6.51 -19.66 -24.81
CA ARG A 158 7.10 -20.51 -25.84
C ARG A 158 7.65 -19.67 -26.98
N GLU A 159 6.90 -18.63 -27.35
CA GLU A 159 7.30 -17.72 -28.41
C GLU A 159 8.55 -16.95 -28.02
N ALA A 160 8.50 -16.30 -26.86
CA ALA A 160 9.66 -15.58 -26.36
C ALA A 160 10.88 -16.48 -26.19
N PHE A 161 10.70 -17.72 -25.72
CA PHE A 161 11.83 -18.61 -25.49
C PHE A 161 12.58 -18.93 -26.79
N ALA A 162 11.80 -19.20 -27.84
CA ALA A 162 12.32 -19.49 -29.18
C ALA A 162 13.09 -18.28 -29.72
N TYR A 163 12.45 -17.11 -29.67
CA TYR A 163 13.08 -15.88 -30.15
C TYR A 163 14.40 -15.68 -29.40
N LEU A 164 14.37 -15.81 -28.07
CA LEU A 164 15.54 -15.60 -27.24
C LEU A 164 16.74 -16.43 -27.69
N GLU A 165 16.52 -17.72 -27.96
CA GLU A 165 17.63 -18.58 -28.31
C GLU A 165 18.17 -18.37 -29.74
N GLU A 166 17.36 -17.80 -30.64
N GLU A 166 17.32 -17.86 -30.63
CA GLU A 166 17.85 -17.44 -31.97
CA GLU A 166 17.74 -17.42 -31.96
C GLU A 166 18.61 -16.12 -31.94
C GLU A 166 18.62 -16.18 -31.83
N ILE A 167 18.07 -15.11 -31.25
CA ILE A 167 18.78 -13.82 -31.18
C ILE A 167 20.10 -13.87 -30.39
N LEU A 168 20.18 -14.73 -29.37
CA LEU A 168 21.37 -14.86 -28.54
C LEU A 168 22.52 -15.57 -29.23
N TYR A 169 22.25 -16.54 -30.07
CA TYR A 169 23.33 -17.42 -30.50
C TYR A 169 23.57 -17.52 -32.01
N LYS A 170 22.71 -16.90 -32.80
CA LYS A 170 22.89 -16.88 -34.25
C LYS A 170 23.38 -15.52 -34.72
N ASN A 171 24.40 -15.53 -35.58
CA ASN A 171 24.76 -14.30 -36.28
C ASN A 171 23.81 -13.98 -37.44
N PHE A 172 23.39 -12.73 -37.50
CA PHE A 172 22.40 -12.25 -38.49
C PHE A 172 21.29 -13.25 -38.73
N PRO A 173 20.49 -13.54 -37.68
CA PRO A 173 19.43 -14.54 -37.79
C PRO A 173 18.29 -14.00 -38.63
N SER A 174 17.39 -14.89 -38.99
CA SER A 174 16.18 -14.49 -39.66
C SER A 174 15.03 -14.94 -38.78
N ILE A 175 14.38 -13.98 -38.12
CA ILE A 175 13.37 -14.27 -37.12
C ILE A 175 12.05 -13.58 -37.47
N GLN A 176 11.01 -14.39 -37.62
N GLN A 176 10.96 -14.35 -37.56
CA GLN A 176 9.65 -13.89 -37.76
CA GLN A 176 9.64 -13.76 -37.82
C GLN A 176 8.91 -14.34 -36.52
C GLN A 176 8.54 -14.21 -36.83
N SER A 177 8.35 -13.38 -35.81
CA SER A 177 7.66 -13.73 -34.59
C SER A 177 6.51 -12.76 -34.35
N THR A 178 5.51 -13.20 -33.59
CA THR A 178 4.46 -12.27 -33.13
C THR A 178 5.05 -11.13 -32.31
N LEU A 179 6.29 -11.29 -31.84
CA LEU A 179 6.95 -10.31 -30.97
C LEU A 179 7.75 -9.28 -31.73
N GLY A 180 8.01 -9.54 -33.01
CA GLY A 180 8.76 -8.63 -33.87
C GLY A 180 9.62 -9.42 -34.85
N GLU A 181 10.42 -8.73 -35.65
N GLU A 181 10.33 -8.73 -35.74
CA GLU A 181 11.16 -9.42 -36.70
CA GLU A 181 11.14 -9.39 -36.78
C GLU A 181 12.60 -8.95 -36.85
C GLU A 181 12.60 -8.95 -36.81
N VAL A 182 13.49 -9.91 -37.00
CA VAL A 182 14.88 -9.63 -37.30
C VAL A 182 15.18 -10.22 -38.68
N HIS A 183 15.54 -9.36 -39.62
CA HIS A 183 16.00 -9.81 -40.93
C HIS A 183 16.93 -8.75 -41.48
N GLY A 184 18.22 -8.98 -41.29
CA GLY A 184 19.21 -7.98 -41.68
C GLY A 184 20.12 -7.55 -40.56
N ALA A 185 19.56 -7.38 -39.36
CA ALA A 185 20.36 -6.92 -38.22
C ALA A 185 20.86 -8.09 -37.37
N ASN A 186 21.66 -7.78 -36.35
CA ASN A 186 22.40 -8.76 -35.57
C ASN A 186 22.54 -8.28 -34.12
N LEU A 187 22.59 -9.20 -33.16
CA LEU A 187 22.78 -8.84 -31.77
C LEU A 187 24.25 -8.76 -31.44
N VAL A 188 24.62 -7.59 -30.92
CA VAL A 188 25.88 -7.41 -30.18
C VAL A 188 25.56 -6.91 -28.77
N PRO A 189 26.35 -7.35 -27.78
CA PRO A 189 27.39 -8.37 -27.98
C PRO A 189 26.75 -9.76 -27.94
N LYS A 190 27.55 -10.80 -28.07
CA LYS A 190 27.07 -12.16 -27.83
C LYS A 190 27.73 -12.65 -26.54
N PRO A 191 27.09 -13.60 -25.84
CA PRO A 191 27.83 -14.20 -24.73
C PRO A 191 29.01 -14.98 -25.32
N SER A 192 30.10 -15.02 -24.56
N SER A 192 30.15 -15.01 -24.64
CA SER A 192 31.34 -15.65 -24.98
CA SER A 192 31.27 -15.73 -25.23
C SER A 192 31.25 -17.18 -24.97
C SER A 192 30.97 -17.21 -25.25
N LYS A 193 30.30 -17.69 -24.19
CA LYS A 193 29.92 -19.10 -24.12
C LYS A 193 28.41 -19.13 -23.97
N ARG A 194 27.81 -20.26 -24.34
CA ARG A 194 26.40 -20.50 -24.07
C ARG A 194 26.04 -20.06 -22.63
N VAL A 195 24.83 -19.54 -22.41
CA VAL A 195 24.44 -19.15 -21.06
C VAL A 195 23.50 -20.21 -20.48
N PRO A 196 23.85 -20.81 -19.33
CA PRO A 196 22.93 -21.83 -18.81
C PRO A 196 21.55 -21.21 -18.52
N THR A 197 20.52 -21.85 -19.07
CA THR A 197 19.15 -21.35 -19.02
C THR A 197 18.23 -22.40 -18.43
N PHE A 198 17.46 -22.04 -17.40
CA PHE A 198 16.67 -22.99 -16.64
C PHE A 198 15.21 -22.61 -16.61
N ILE A 199 14.37 -23.61 -16.84
CA ILE A 199 12.93 -23.38 -16.76
C ILE A 199 12.55 -23.42 -15.30
N THR A 200 11.83 -22.39 -14.83
CA THR A 200 11.41 -22.37 -13.43
C THR A 200 9.90 -22.55 -13.32
N GLY A 201 9.50 -23.39 -12.38
CA GLY A 201 8.13 -23.88 -12.31
C GLY A 201 7.81 -24.73 -13.53
N PHE A 202 6.54 -24.80 -13.89
CA PHE A 202 6.12 -25.43 -15.14
C PHE A 202 6.07 -24.39 -16.27
N SER A 203 5.92 -23.12 -15.90
CA SER A 203 5.77 -22.00 -16.84
C SER A 203 4.68 -22.31 -17.87
N GLN A 204 3.60 -22.89 -17.37
CA GLN A 204 2.43 -23.20 -18.18
C GLN A 204 2.76 -24.19 -19.29
N GLN A 205 3.85 -24.93 -19.13
CA GLN A 205 4.23 -25.96 -20.09
C GLN A 205 3.99 -27.36 -19.48
N ASN A 206 4.09 -28.39 -20.31
CA ASN A 206 4.09 -29.73 -19.75
C ASN A 206 5.51 -30.24 -19.58
N GLU A 208 7.21 -32.65 -20.71
N GLU A 208 7.19 -32.65 -20.69
CA GLU A 208 7.94 -33.03 -21.92
CA GLU A 208 7.85 -33.01 -21.95
C GLU A 208 8.61 -31.82 -22.55
C GLU A 208 8.61 -31.82 -22.52
N TRP A 209 7.95 -30.66 -22.51
CA TRP A 209 8.50 -29.41 -23.02
C TRP A 209 9.79 -28.99 -22.31
N PHE A 210 9.76 -28.91 -20.98
CA PHE A 210 10.97 -28.56 -20.24
C PHE A 210 11.91 -29.71 -19.97
N ALA A 211 11.62 -30.89 -20.54
CA ALA A 211 12.65 -31.92 -20.69
C ALA A 211 13.38 -31.71 -22.02
N GLU A 212 12.68 -31.20 -23.04
N GLU A 212 12.65 -31.17 -23.00
CA GLU A 212 13.30 -30.98 -24.35
CA GLU A 212 13.15 -30.95 -24.35
C GLU A 212 13.96 -29.62 -24.49
C GLU A 212 13.93 -29.64 -24.46
N HIS A 213 13.41 -28.60 -23.82
CA HIS A 213 13.97 -27.24 -23.88
C HIS A 213 14.63 -26.75 -22.58
N GLY A 214 15.69 -25.97 -22.72
CA GLY A 214 16.40 -25.45 -21.56
C GLY A 214 17.51 -26.39 -21.14
N ASP A 215 18.25 -25.98 -20.11
CA ASP A 215 19.43 -26.71 -19.66
C ASP A 215 19.22 -27.36 -18.29
N GLY A 216 18.06 -27.12 -17.71
CA GLY A 216 17.73 -27.69 -16.42
C GLY A 216 16.41 -27.18 -15.93
N TRP A 217 16.03 -27.59 -14.73
CA TRP A 217 14.73 -27.29 -14.19
C TRP A 217 14.82 -26.82 -12.76
N TYR A 219 12.25 -25.85 -9.55
CA TYR A 219 10.88 -25.96 -9.08
C TYR A 219 10.65 -25.25 -7.75
N TYR A 220 9.49 -25.46 -7.14
CA TYR A 220 9.17 -24.77 -5.90
C TYR A 220 9.62 -25.55 -4.66
N PRO A 221 9.74 -24.86 -3.51
CA PRO A 221 10.01 -25.52 -2.24
C PRO A 221 9.03 -26.66 -1.92
N ARG A 222 9.53 -27.89 -1.99
CA ARG A 222 8.82 -29.08 -1.53
C ARG A 222 9.75 -29.84 -0.59
N SER A 223 9.14 -30.62 0.32
CA SER A 223 9.88 -31.62 1.09
C SER A 223 10.50 -32.63 0.11
N PRO A 224 11.64 -33.24 0.49
CA PRO A 224 12.28 -34.27 -0.34
C PRO A 224 11.31 -35.38 -0.78
N VAL A 225 10.51 -35.91 0.14
CA VAL A 225 9.52 -36.93 -0.22
C VAL A 225 8.62 -36.40 -1.33
N HIS A 226 8.14 -35.16 -1.19
CA HIS A 226 7.21 -34.62 -2.19
C HIS A 226 7.84 -34.18 -3.50
N GLN A 227 9.16 -34.13 -3.54
CA GLN A 227 9.88 -33.60 -4.69
C GLN A 227 10.52 -34.72 -5.50
N ALA A 228 10.87 -35.79 -4.83
CA ALA A 228 11.63 -36.89 -5.45
C ALA A 228 11.01 -37.49 -6.73
N GLY A 229 9.68 -37.66 -6.74
CA GLY A 229 8.97 -38.24 -7.87
C GLY A 229 9.11 -37.41 -9.14
N ALA A 230 8.84 -36.11 -9.02
CA ALA A 230 8.95 -35.19 -10.15
C ALA A 230 10.35 -35.16 -10.77
N ILE A 231 11.39 -35.20 -9.93
CA ILE A 231 12.78 -35.16 -10.41
C ILE A 231 13.08 -36.38 -11.27
N GLY A 232 12.69 -37.55 -10.79
CA GLY A 232 12.90 -38.81 -11.49
C GLY A 232 12.14 -38.85 -12.81
N GLN A 233 10.87 -38.42 -12.79
CA GLN A 233 10.06 -38.42 -14.00
C GLN A 233 10.70 -37.54 -15.08
N TRP A 234 11.06 -36.31 -14.67
CA TRP A 234 11.64 -35.33 -15.54
C TRP A 234 12.91 -35.87 -16.18
N ARG A 235 13.81 -36.43 -15.36
N ARG A 235 13.81 -36.44 -15.37
CA ARG A 235 15.06 -36.97 -15.86
CA ARG A 235 15.09 -36.96 -15.88
C ARG A 235 14.82 -38.06 -16.88
C ARG A 235 14.99 -38.28 -16.68
N GLU A 236 13.81 -38.90 -16.66
CA GLU A 236 13.49 -39.99 -17.60
C GLU A 236 13.14 -39.42 -18.98
N LEU A 237 12.26 -38.43 -18.99
CA LEU A 237 12.00 -37.67 -20.21
C LEU A 237 13.26 -37.01 -20.78
N VAL A 238 14.11 -36.46 -19.91
CA VAL A 238 15.35 -35.85 -20.37
C VAL A 238 16.25 -36.91 -21.02
N GLU A 239 16.31 -38.10 -20.42
CA GLU A 239 17.05 -39.22 -20.99
C GLU A 239 16.46 -39.69 -22.33
N ASP A 240 15.15 -39.60 -22.48
CA ASP A 240 14.49 -39.89 -23.76
C ASP A 240 14.95 -38.99 -24.89
N TYR A 241 14.97 -37.68 -24.66
CA TYR A 241 15.25 -36.72 -25.73
C TYR A 241 16.72 -36.52 -26.00
N HIS A 242 17.53 -36.49 -24.96
CA HIS A 242 18.96 -36.28 -25.13
C HIS A 242 19.66 -37.32 -24.29
N PRO A 243 19.91 -38.52 -24.85
CA PRO A 243 20.54 -39.60 -24.07
C PRO A 243 21.91 -39.19 -23.55
N ASP A 244 22.19 -39.58 -22.30
CA ASP A 244 23.50 -39.34 -21.66
C ASP A 244 23.84 -37.89 -21.31
N VAL A 245 22.95 -36.93 -21.59
CA VAL A 245 23.19 -35.55 -21.17
C VAL A 245 22.74 -35.37 -19.72
N PHE A 246 23.54 -34.68 -18.92
CA PHE A 246 23.12 -34.31 -17.57
C PHE A 246 22.48 -32.94 -17.60
N LYS A 247 21.31 -32.82 -16.98
CA LYS A 247 20.67 -31.53 -16.71
C LYS A 247 20.41 -31.39 -15.19
N PRO A 248 20.86 -30.28 -14.57
CA PRO A 248 20.65 -30.16 -13.13
C PRO A 248 19.21 -29.77 -12.71
N PHE A 249 18.86 -30.14 -11.47
CA PHE A 249 17.63 -29.69 -10.81
C PHE A 249 17.99 -28.72 -9.71
N ILE A 250 17.21 -27.65 -9.59
CA ILE A 250 17.48 -26.57 -8.66
C ILE A 250 16.24 -26.32 -7.81
N GLN A 251 16.49 -25.98 -6.55
CA GLN A 251 15.47 -25.94 -5.53
C GLN A 251 15.70 -24.72 -4.64
N PRO A 252 14.69 -23.88 -4.48
CA PRO A 252 14.83 -22.93 -3.38
C PRO A 252 14.28 -23.55 -2.09
N HIS A 254 13.10 -21.85 2.01
CA HIS A 254 13.16 -20.91 3.13
C HIS A 254 13.74 -21.60 4.35
N LEU A 255 14.56 -20.87 5.10
CA LEU A 255 15.22 -21.44 6.25
C LEU A 255 15.14 -20.48 7.41
N ASP A 256 14.65 -20.98 8.55
CA ASP A 256 14.77 -20.30 9.85
C ASP A 256 15.76 -21.09 10.72
N LEU A 257 17.03 -20.66 10.73
CA LEU A 257 18.08 -21.46 11.37
C LEU A 257 18.15 -21.13 12.85
N SER A 258 17.93 -22.16 13.65
CA SER A 258 17.79 -22.02 15.09
C SER A 258 19.14 -21.76 15.76
N GLU A 259 19.14 -21.00 16.86
N GLU A 259 19.14 -21.00 16.86
CA GLU A 259 20.35 -20.82 17.68
CA GLU A 259 20.33 -20.81 17.67
C GLU A 259 20.87 -22.18 18.11
C GLU A 259 20.87 -22.16 18.15
N ASP A 260 19.94 -23.07 18.48
CA ASP A 260 20.24 -24.39 18.96
C ASP A 260 20.50 -25.34 17.82
N PRO A 261 21.75 -25.78 17.66
CA PRO A 261 22.14 -26.66 16.55
C PRO A 261 21.53 -28.05 16.58
N ASN A 262 20.93 -28.41 17.71
N ASN A 262 20.95 -28.46 17.71
CA ASN A 262 20.37 -29.73 17.86
CA ASN A 262 20.35 -29.79 17.78
C ASN A 262 18.87 -29.77 17.57
C ASN A 262 18.82 -29.78 17.71
N GLU A 263 18.24 -28.59 17.52
CA GLU A 263 16.82 -28.47 17.26
C GLU A 263 16.38 -29.19 15.98
N ARG A 264 15.31 -29.96 16.09
CA ARG A 264 14.78 -30.74 15.00
C ARG A 264 13.93 -29.85 14.07
N PRO A 265 13.77 -30.27 12.78
CA PRO A 265 12.97 -29.48 11.85
C PRO A 265 11.51 -29.39 12.21
N THR A 266 10.97 -28.19 12.17
CA THR A 266 9.54 -27.98 12.15
C THR A 266 9.21 -27.18 10.89
N PRO A 267 7.98 -27.29 10.39
CA PRO A 267 7.61 -26.51 9.18
C PRO A 267 7.51 -25.02 9.45
N ILE A 268 8.02 -24.23 8.52
CA ILE A 268 7.60 -22.84 8.33
C ILE A 268 7.13 -22.74 6.88
N ARG A 269 6.57 -21.59 6.49
CA ARG A 269 6.12 -21.43 5.11
C ARG A 269 7.28 -21.51 4.10
N LEU A 270 7.14 -22.41 3.14
CA LEU A 270 8.15 -22.66 2.10
C LEU A 270 9.49 -23.22 2.61
N GLY A 271 9.50 -23.73 3.84
CA GLY A 271 10.71 -24.36 4.34
C GLY A 271 10.65 -24.91 5.74
N TYR A 272 11.74 -24.73 6.47
CA TYR A 272 11.89 -25.35 7.77
C TYR A 272 12.49 -24.39 8.76
N ARG A 273 12.00 -24.46 9.99
CA ARG A 273 12.79 -24.00 11.10
C ARG A 273 13.64 -25.22 11.45
N THR A 274 14.94 -25.02 11.63
CA THR A 274 15.80 -26.14 12.02
C THR A 274 17.14 -25.68 12.55
N GLY A 275 17.77 -26.53 13.35
CA GLY A 275 19.17 -26.36 13.75
C GLY A 275 20.05 -26.92 12.64
N ARG A 276 21.32 -26.54 12.64
CA ARG A 276 22.24 -26.90 11.55
C ARG A 276 22.45 -28.41 11.35
N LYS A 277 22.42 -29.17 12.44
CA LYS A 277 22.68 -30.60 12.35
C LYS A 277 21.61 -31.28 11.54
N ALA A 278 20.35 -30.96 11.85
CA ALA A 278 19.22 -31.49 11.09
C ALA A 278 19.16 -30.92 9.64
N LEU A 279 19.63 -29.69 9.44
CA LEU A 279 19.76 -29.10 8.10
C LEU A 279 20.70 -29.90 7.23
N ILE A 280 21.90 -30.19 7.75
CA ILE A 280 22.84 -31.02 7.02
C ILE A 280 22.19 -32.36 6.61
N GLU A 281 21.49 -33.01 7.54
CA GLU A 281 20.81 -34.27 7.23
C GLU A 281 19.83 -34.07 6.09
N LEU A 282 19.01 -33.03 6.20
CA LEU A 282 17.99 -32.68 5.23
C LEU A 282 18.61 -32.48 3.86
N LEU A 283 19.67 -31.68 3.79
CA LEU A 283 20.36 -31.44 2.53
C LEU A 283 20.93 -32.74 1.90
N ASP A 284 21.36 -33.70 2.72
CA ASP A 284 21.85 -34.96 2.16
C ASP A 284 20.72 -35.76 1.50
N ILE A 285 19.52 -35.67 2.09
CA ILE A 285 18.38 -36.31 1.49
C ILE A 285 18.10 -35.67 0.13
N TYR A 286 18.05 -34.33 0.10
CA TYR A 286 17.85 -33.56 -1.14
C TYR A 286 18.88 -33.94 -2.19
N LYS A 287 20.12 -34.07 -1.76
CA LYS A 287 21.18 -34.47 -2.66
C LYS A 287 20.91 -35.86 -3.23
N SER A 288 20.44 -36.79 -2.39
CA SER A 288 20.23 -38.16 -2.86
C SER A 288 19.04 -38.32 -3.79
N ILE A 289 18.02 -37.47 -3.69
CA ILE A 289 16.91 -37.54 -4.63
C ILE A 289 17.19 -36.84 -5.97
N GLY A 290 18.32 -36.13 -6.05
CA GLY A 290 18.78 -35.53 -7.29
C GLY A 290 18.80 -33.99 -7.36
N VAL A 291 18.81 -33.31 -6.22
CA VAL A 291 18.88 -31.87 -6.23
C VAL A 291 20.35 -31.46 -6.40
N ASN A 292 20.64 -30.56 -7.33
CA ASN A 292 22.02 -30.17 -7.59
C ASN A 292 22.41 -28.80 -7.06
N HIS A 293 21.42 -27.95 -6.87
CA HIS A 293 21.68 -26.69 -6.25
C HIS A 293 20.48 -26.27 -5.41
N LEU A 294 20.74 -25.84 -4.19
CA LEU A 294 19.67 -25.41 -3.34
C LEU A 294 20.00 -24.04 -2.77
N PHE A 295 19.10 -23.09 -2.92
CA PHE A 295 19.40 -21.75 -2.47
C PHE A 295 18.47 -21.31 -1.36
N LEU A 296 19.08 -20.69 -0.35
CA LEU A 296 18.43 -20.50 0.92
C LEU A 296 17.90 -19.09 1.05
N ALA A 297 16.62 -18.96 1.36
CA ALA A 297 16.00 -17.67 1.68
C ALA A 297 15.90 -17.51 3.21
N LEU A 298 16.49 -16.45 3.73
CA LEU A 298 16.55 -16.24 5.17
C LEU A 298 15.56 -15.19 5.65
N PHE A 299 14.62 -14.82 4.75
CA PHE A 299 13.67 -13.71 4.96
C PHE A 299 12.91 -13.80 6.27
N ASP A 300 12.52 -15.02 6.62
CA ASP A 300 11.65 -15.26 7.75
C ASP A 300 12.34 -15.80 9.00
N GLY A 301 13.66 -15.86 9.02
CA GLY A 301 14.37 -16.32 10.21
C GLY A 301 14.20 -15.37 11.40
N GLN A 302 14.24 -15.95 12.59
CA GLN A 302 14.19 -15.13 13.82
C GLN A 302 15.48 -14.37 14.06
N ARG A 303 16.60 -14.95 13.59
CA ARG A 303 17.94 -14.38 13.74
C ARG A 303 18.30 -13.49 12.56
N PRO A 304 19.11 -12.44 12.79
CA PRO A 304 19.50 -11.61 11.64
C PRO A 304 20.30 -12.45 10.64
N ALA A 305 20.32 -12.02 9.39
CA ALA A 305 20.89 -12.84 8.33
C ALA A 305 22.42 -12.98 8.41
N ASP A 306 23.12 -11.92 8.82
CA ASP A 306 24.59 -12.00 8.94
C ASP A 306 25.05 -13.15 9.82
N GLU A 307 24.41 -13.30 10.99
CA GLU A 307 24.85 -14.30 11.93
C GLU A 307 24.47 -15.72 11.44
N VAL A 308 23.33 -15.84 10.77
CA VAL A 308 22.94 -17.10 10.15
C VAL A 308 23.91 -17.42 9.00
N LEU A 309 24.31 -16.40 8.25
CA LEU A 309 25.17 -16.65 7.11
C LEU A 309 26.52 -17.22 7.60
N ASP A 310 27.08 -16.61 8.65
CA ASP A 310 28.30 -17.08 9.28
C ASP A 310 28.16 -18.51 9.76
N GLU A 311 27.08 -18.81 10.47
CA GLU A 311 26.86 -20.18 10.88
C GLU A 311 26.78 -21.14 9.69
N LEU A 312 26.08 -20.76 8.62
CA LEU A 312 26.02 -21.67 7.47
C LEU A 312 27.40 -21.86 6.87
N GLY A 313 28.09 -20.74 6.68
CA GLY A 313 29.44 -20.72 6.11
C GLY A 313 30.44 -21.57 6.86
N GLU A 314 30.45 -21.46 8.18
CA GLU A 314 31.44 -22.12 9.00
C GLU A 314 31.16 -23.59 9.22
N GLU A 315 29.88 -23.95 9.28
CA GLU A 315 29.48 -25.26 9.76
C GLU A 315 28.72 -26.14 8.76
N VAL A 316 28.04 -25.53 7.79
CA VAL A 316 27.21 -26.29 6.83
C VAL A 316 27.85 -26.37 5.43
N LEU A 317 28.47 -25.27 4.99
CA LEU A 317 29.08 -25.20 3.66
C LEU A 317 30.21 -26.22 3.39
N PRO A 318 31.08 -26.49 4.39
CA PRO A 318 32.09 -27.55 4.20
C PRO A 318 31.50 -28.91 3.85
N HIS A 319 30.23 -29.12 4.15
CA HIS A 319 29.58 -30.39 3.82
C HIS A 319 28.97 -30.42 2.41
N PHE A 320 28.96 -29.27 1.75
CA PHE A 320 28.33 -29.08 0.44
C PHE A 320 29.13 -28.01 -0.29
N PRO A 321 30.42 -28.30 -0.51
CA PRO A 321 31.36 -27.28 -0.98
C PRO A 321 31.18 -26.93 -2.47
N ALA A 322 31.67 -25.75 -2.86
CA ALA A 322 31.74 -25.37 -4.28
C ALA A 322 32.54 -26.43 -5.02
N LEU A 323 32.13 -26.76 -6.24
CA LEU A 323 32.75 -27.86 -6.97
C LEU A 323 34.00 -27.41 -7.71
N HIS B 6 8.62 24.89 -8.30
CA HIS B 6 9.31 24.66 -9.61
C HIS B 6 10.62 25.44 -9.73
N GLU B 8 12.51 26.09 -7.25
CA GLU B 8 13.42 25.39 -6.35
C GLU B 8 13.58 23.91 -6.72
N LYS B 9 13.20 23.53 -7.94
CA LYS B 9 13.04 22.10 -8.28
C LYS B 9 14.24 21.20 -7.99
N PHE B 10 15.43 21.65 -8.37
CA PHE B 10 16.65 20.87 -8.13
C PHE B 10 17.62 21.58 -7.18
N ALA B 11 17.05 22.41 -6.30
CA ALA B 11 17.80 23.28 -5.38
C ALA B 11 18.89 22.54 -4.64
N ASN B 12 18.58 21.32 -4.20
CA ASN B 12 19.52 20.50 -3.45
C ASN B 12 19.88 19.20 -4.14
N HIS B 13 19.89 19.21 -5.47
CA HIS B 13 20.27 18.04 -6.28
C HIS B 13 21.75 18.13 -6.61
N PHE B 14 22.53 17.18 -6.11
CA PHE B 14 23.98 17.24 -6.24
C PHE B 14 24.50 17.22 -7.69
N GLY B 15 24.15 16.16 -8.43
CA GLY B 15 24.55 15.99 -9.82
C GLY B 15 24.12 17.17 -10.67
N TYR B 16 22.91 17.65 -10.43
CA TYR B 16 22.34 18.71 -11.24
C TYR B 16 23.13 19.99 -11.06
N ASN B 17 23.31 20.41 -9.80
CA ASN B 17 23.94 21.70 -9.50
C ASN B 17 25.41 21.73 -9.84
N ARG B 18 26.06 20.57 -9.83
CA ARG B 18 27.45 20.46 -10.23
C ARG B 18 27.61 20.64 -11.74
N PHE B 20 24.91 22.11 -13.93
CA PHE B 20 24.09 23.15 -14.55
C PHE B 20 23.95 24.38 -13.68
N ALA B 21 24.16 25.54 -14.30
CA ALA B 21 23.81 26.84 -13.72
C ALA B 21 23.66 27.84 -14.85
N LYS B 22 22.72 28.75 -14.69
CA LYS B 22 22.55 29.83 -15.66
C LYS B 22 23.86 30.54 -16.02
N ASP B 23 24.10 30.67 -17.32
CA ASP B 23 25.29 31.36 -17.86
C ASP B 23 26.61 30.62 -17.63
N GLN B 24 26.52 29.43 -17.10
CA GLN B 24 27.70 28.59 -16.91
C GLN B 24 27.65 27.44 -17.90
N LEU B 25 28.82 27.02 -18.36
CA LEU B 25 28.92 25.83 -19.17
C LEU B 25 29.83 24.84 -18.47
N THR B 26 29.44 23.57 -18.51
CA THR B 26 30.16 22.51 -17.86
C THR B 26 30.42 21.46 -18.94
N LEU B 27 31.44 20.62 -18.77
CA LEU B 27 31.85 19.67 -19.81
C LEU B 27 31.60 18.19 -19.47
N GLY B 28 31.20 17.42 -20.49
CA GLY B 28 30.94 16.00 -20.31
C GLY B 28 31.68 15.14 -21.33
N VAL B 29 31.53 13.83 -21.20
CA VAL B 29 32.17 12.91 -22.12
C VAL B 29 31.19 11.82 -22.62
N HIS B 30 31.35 11.44 -23.88
CA HIS B 30 30.49 10.46 -24.53
C HIS B 30 31.18 9.11 -24.50
N ILE B 31 30.52 8.09 -23.93
CA ILE B 31 30.92 6.69 -24.11
C ILE B 31 30.59 6.29 -25.55
N PRO B 32 31.44 5.47 -26.20
CA PRO B 32 32.79 4.99 -25.84
C PRO B 32 33.82 6.12 -25.82
N ILE B 33 34.68 6.14 -24.80
CA ILE B 33 35.83 7.03 -24.78
C ILE B 33 36.94 6.32 -25.55
N GLU B 34 36.89 6.42 -26.87
CA GLU B 34 37.74 5.64 -27.76
C GLU B 34 37.59 6.25 -29.15
N ASN B 35 38.70 6.40 -29.86
CA ASN B 35 38.68 6.96 -31.21
C ASN B 35 38.49 5.87 -32.28
N TYR B 36 37.44 5.06 -32.12
CA TYR B 36 37.19 3.92 -33.01
C TYR B 36 36.87 4.27 -34.48
N GLN B 37 36.36 5.48 -34.70
CA GLN B 37 36.06 5.98 -36.03
C GLN B 37 35.19 5.04 -36.91
N PHE B 38 35.79 4.35 -37.88
CA PHE B 38 35.03 3.57 -38.86
C PHE B 38 34.86 2.12 -38.46
N HIS B 39 35.58 1.72 -37.42
CA HIS B 39 35.54 0.33 -36.93
C HIS B 39 34.86 0.17 -35.58
N ALA B 40 34.55 -1.08 -35.23
CA ALA B 40 33.94 -1.39 -33.95
C ALA B 40 34.95 -1.07 -32.85
N PRO B 41 34.50 -0.43 -31.76
CA PRO B 41 35.37 -0.14 -30.60
C PRO B 41 35.78 -1.41 -29.88
N THR B 42 36.97 -1.41 -29.27
CA THR B 42 37.37 -2.56 -28.46
C THR B 42 36.71 -2.51 -27.08
N GLU B 44 38.02 -1.40 -24.49
CA GLU B 44 39.08 -1.43 -23.50
C GLU B 44 39.23 -0.11 -22.73
N LYS B 45 39.63 -0.22 -21.46
CA LYS B 45 40.02 0.91 -20.63
C LYS B 45 38.91 1.88 -20.25
N GLN B 46 37.65 1.47 -20.43
CA GLN B 46 36.56 2.42 -20.20
C GLN B 46 36.46 2.87 -18.74
N VAL B 47 36.68 1.93 -17.83
CA VAL B 47 36.62 2.22 -16.40
C VAL B 47 37.71 3.22 -16.02
N GLU B 48 38.94 2.97 -16.46
N GLU B 48 38.94 2.95 -16.49
CA GLU B 48 40.01 3.86 -16.06
CA GLU B 48 40.09 3.80 -16.14
C GLU B 48 39.71 5.26 -16.63
C GLU B 48 40.08 5.16 -16.85
N LEU B 49 39.24 5.31 -17.88
CA LEU B 49 39.02 6.59 -18.55
C LEU B 49 37.87 7.38 -17.93
N VAL B 50 36.88 6.65 -17.46
CA VAL B 50 35.76 7.29 -16.83
C VAL B 50 36.20 7.84 -15.46
N GLN B 51 37.10 7.11 -14.79
CA GLN B 51 37.66 7.56 -13.52
C GLN B 51 38.52 8.82 -13.73
N LYS B 52 39.32 8.84 -14.79
CA LYS B 52 40.09 10.03 -15.12
C LYS B 52 39.19 11.20 -15.43
N ALA B 53 38.15 10.97 -16.22
CA ALA B 53 37.21 12.06 -16.50
C ALA B 53 36.67 12.62 -15.20
N GLU B 54 36.34 11.72 -14.26
CA GLU B 54 35.88 12.16 -12.94
C GLU B 54 36.91 13.05 -12.21
N GLN B 55 38.16 12.60 -12.13
N GLN B 55 38.17 12.64 -12.13
N GLN B 55 38.17 12.61 -12.15
CA GLN B 55 39.24 13.35 -11.47
CA GLN B 55 39.13 13.44 -11.38
CA GLN B 55 39.25 13.34 -11.48
C GLN B 55 39.36 14.74 -12.08
C GLN B 55 39.52 14.74 -12.10
C GLN B 55 39.43 14.73 -12.09
N TYR B 56 39.32 14.78 -13.42
CA TYR B 56 39.55 16.01 -14.16
C TYR B 56 38.43 17.02 -14.02
N GLY B 57 37.28 16.61 -13.49
CA GLY B 57 36.21 17.59 -13.29
C GLY B 57 35.12 17.65 -14.37
N PHE B 58 35.12 16.69 -15.29
CA PHE B 58 33.95 16.46 -16.15
C PHE B 58 32.75 16.18 -15.27
N THR B 59 31.58 16.69 -15.65
CA THR B 59 30.41 16.54 -14.79
C THR B 59 29.42 15.45 -15.21
N GLY B 60 29.57 14.94 -16.44
CA GLY B 60 28.65 13.92 -16.94
C GLY B 60 29.29 12.93 -17.89
N VAL B 61 28.82 11.68 -17.83
CA VAL B 61 29.19 10.61 -18.77
C VAL B 61 27.91 10.11 -19.44
N TRP B 62 27.88 10.11 -20.78
CA TRP B 62 26.66 9.84 -21.53
C TRP B 62 26.72 8.57 -22.36
N LEU B 63 25.64 7.78 -22.31
CA LEU B 63 25.54 6.53 -23.06
C LEU B 63 24.36 6.59 -24.05
N ARG B 64 24.33 5.66 -25.02
CA ARG B 64 23.24 5.61 -26.00
C ARG B 64 22.42 4.32 -25.87
N ASP B 65 21.22 4.32 -26.45
CA ASP B 65 20.24 3.24 -26.29
C ASP B 65 20.02 2.47 -27.60
N VAL B 66 20.79 1.42 -27.85
CA VAL B 66 20.74 0.70 -29.11
C VAL B 66 20.83 -0.79 -28.91
N LEU B 67 19.86 -1.54 -29.46
CA LEU B 67 19.83 -2.98 -29.30
C LEU B 67 20.64 -3.71 -30.34
N LEU B 68 20.30 -3.50 -31.61
CA LEU B 68 20.86 -4.31 -32.68
C LEU B 68 21.87 -3.59 -33.58
N GLN B 69 22.90 -4.35 -33.96
CA GLN B 69 23.82 -3.96 -35.00
C GLN B 69 23.05 -3.99 -36.31
N ASP B 70 22.96 -2.83 -36.95
CA ASP B 70 22.16 -2.63 -38.15
C ASP B 70 23.04 -2.13 -39.29
N PRO B 71 23.29 -2.98 -40.30
CA PRO B 71 24.13 -2.59 -41.46
C PRO B 71 23.62 -1.35 -42.21
N ASP B 72 22.35 -1.03 -42.08
CA ASP B 72 21.79 0.16 -42.72
C ASP B 72 22.13 1.44 -42.01
N PHE B 73 22.58 1.37 -40.77
CA PHE B 73 22.49 2.56 -39.92
C PHE B 73 23.74 3.43 -39.88
N GLY B 74 24.88 2.86 -40.22
CA GLY B 74 26.14 3.60 -40.20
C GLY B 74 26.69 3.93 -38.83
N ASP B 75 26.54 3.01 -37.88
CA ASP B 75 27.07 3.21 -36.53
C ASP B 75 27.90 1.99 -36.16
N PRO B 76 29.21 2.03 -36.48
CA PRO B 76 30.03 0.84 -36.20
C PRO B 76 30.15 0.46 -34.70
N ALA B 77 29.75 1.36 -33.80
CA ALA B 77 29.74 1.08 -32.35
C ALA B 77 28.45 0.46 -31.79
N THR B 78 27.37 0.50 -32.57
CA THR B 78 26.05 0.05 -32.12
C THR B 78 25.75 0.59 -30.70
N GLY B 79 25.78 1.91 -30.57
CA GLY B 79 25.69 2.55 -29.26
C GLY B 79 27.03 2.47 -28.56
N GLN B 80 27.19 1.47 -27.69
CA GLN B 80 28.49 1.21 -27.10
C GLN B 80 28.60 -0.27 -26.93
N ILE B 81 28.03 -1.01 -27.89
CA ILE B 81 27.95 -2.48 -27.85
C ILE B 81 27.07 -2.98 -26.67
N TYR B 82 27.52 -2.72 -25.45
CA TYR B 82 26.81 -3.12 -24.24
C TYR B 82 25.47 -2.42 -24.09
N ASP B 83 24.52 -3.13 -23.48
CA ASP B 83 23.23 -2.52 -23.12
C ASP B 83 23.43 -1.27 -22.28
N ILE B 86 22.60 -1.55 -18.23
CA ILE B 86 23.54 -2.45 -17.58
C ILE B 86 24.92 -1.80 -17.46
N TYR B 87 25.37 -1.18 -18.55
CA TYR B 87 26.71 -0.64 -18.63
C TYR B 87 26.82 0.64 -17.84
N LEU B 88 25.76 1.44 -17.87
CA LEU B 88 25.68 2.62 -17.02
C LEU B 88 25.86 2.17 -15.55
N THR B 89 25.14 1.14 -15.14
CA THR B 89 25.26 0.63 -13.78
C THR B 89 26.70 0.29 -13.46
N TYR B 90 27.33 -0.45 -14.35
CA TYR B 90 28.70 -0.90 -14.15
C TYR B 90 29.67 0.27 -13.94
N LEU B 91 29.64 1.24 -14.86
CA LEU B 91 30.56 2.35 -14.79
C LEU B 91 30.28 3.25 -13.61
N ALA B 92 29.00 3.49 -13.31
CA ALA B 92 28.63 4.26 -12.12
C ALA B 92 29.15 3.61 -10.84
N SER B 93 29.16 2.28 -10.80
CA SER B 93 29.59 1.55 -9.61
C SER B 93 31.11 1.64 -9.39
N LYS B 94 31.79 2.16 -10.42
CA LYS B 94 33.25 2.29 -10.43
C LYS B 94 33.73 3.73 -10.14
N THR B 95 32.80 4.67 -9.91
CA THR B 95 33.10 6.10 -9.74
C THR B 95 32.30 6.71 -8.58
N GLU B 96 32.69 7.89 -8.09
CA GLU B 96 32.17 8.42 -6.82
C GLU B 96 31.20 9.57 -6.94
N LYS B 97 31.27 10.35 -8.02
CA LYS B 97 30.49 11.59 -8.09
C LYS B 97 30.05 12.05 -9.48
N ILE B 98 30.79 11.70 -10.52
CA ILE B 98 30.42 12.11 -11.88
C ILE B 98 28.98 11.66 -12.18
N ALA B 99 28.22 12.49 -12.88
CA ALA B 99 26.85 12.09 -13.27
C ALA B 99 26.83 11.17 -14.49
N PHE B 100 25.90 10.23 -14.51
CA PHE B 100 25.66 9.41 -15.68
C PHE B 100 24.33 9.75 -16.30
N GLY B 101 24.31 9.91 -17.62
CA GLY B 101 23.15 10.38 -18.35
C GLY B 101 22.86 9.50 -19.54
N THR B 102 21.59 9.33 -19.85
CA THR B 102 21.19 8.56 -21.01
C THR B 102 20.93 9.52 -22.13
N SER B 103 21.60 9.29 -23.25
CA SER B 103 21.41 10.09 -24.44
C SER B 103 21.05 9.22 -25.66
N ALA B 104 19.81 8.76 -25.76
CA ALA B 104 18.72 9.00 -24.83
C ALA B 104 17.99 7.69 -24.61
N THR B 105 17.33 7.56 -23.47
CA THR B 105 16.37 6.49 -23.24
C THR B 105 15.21 6.63 -24.21
N VAL B 106 14.99 5.60 -25.03
CA VAL B 106 13.96 5.66 -26.08
C VAL B 106 12.60 5.26 -25.51
N LEU B 107 11.80 6.26 -25.21
CA LEU B 107 10.52 6.00 -24.55
C LEU B 107 9.48 5.24 -25.38
N SER B 108 9.71 5.07 -26.67
CA SER B 108 8.72 4.36 -27.47
C SER B 108 9.12 2.89 -27.67
N LEU B 109 10.28 2.53 -27.11
CA LEU B 109 10.88 1.21 -27.28
C LEU B 109 11.12 0.51 -25.94
N ARG B 110 11.17 1.29 -24.87
CA ARG B 110 11.35 0.80 -23.50
C ARG B 110 10.08 1.19 -22.82
N HIS B 111 9.41 0.24 -22.20
CA HIS B 111 8.15 0.52 -21.53
C HIS B 111 8.41 1.53 -20.41
N PRO B 112 7.51 2.53 -20.25
CA PRO B 112 7.77 3.56 -19.23
C PRO B 112 7.93 3.00 -17.81
N LEU B 113 7.24 1.91 -17.51
CA LEU B 113 7.33 1.32 -16.18
C LEU B 113 8.74 0.75 -15.96
N ARG B 114 9.29 0.05 -16.96
CA ARG B 114 10.66 -0.44 -16.87
C ARG B 114 11.66 0.72 -16.79
N VAL B 115 11.40 1.83 -17.49
CA VAL B 115 12.28 2.97 -17.43
C VAL B 115 12.27 3.50 -15.99
N ALA B 116 11.05 3.69 -15.44
CA ALA B 116 10.86 4.21 -14.08
C ALA B 116 11.55 3.33 -13.06
N LYS B 117 11.29 2.02 -13.15
CA LYS B 117 11.89 1.06 -12.24
C LYS B 117 13.40 1.11 -12.32
N GLU B 118 13.94 1.18 -13.53
CA GLU B 118 15.39 1.11 -13.70
C GLU B 118 16.08 2.42 -13.30
N ILE B 119 15.47 3.57 -13.64
CA ILE B 119 16.01 4.86 -13.24
C ILE B 119 15.93 5.04 -11.72
N ALA B 120 14.77 4.71 -11.14
CA ALA B 120 14.60 4.79 -9.68
C ALA B 120 15.64 3.90 -8.97
N THR B 121 15.89 2.70 -9.48
CA THR B 121 16.90 1.94 -8.77
C THR B 121 18.31 2.52 -8.91
N LEU B 122 18.65 3.03 -10.09
CA LEU B 122 19.92 3.71 -10.32
C LEU B 122 20.10 4.92 -9.39
N ASP B 123 19.02 5.68 -9.22
CA ASP B 123 19.09 6.83 -8.34
C ASP B 123 19.19 6.42 -6.86
N GLN B 124 18.64 5.26 -6.50
CA GLN B 124 18.84 4.71 -5.16
C GLN B 124 20.27 4.20 -4.97
N LEU B 125 20.82 3.53 -5.97
CA LEU B 125 22.19 3.03 -5.85
C LEU B 125 23.23 4.15 -5.92
N PHE B 126 22.92 5.22 -6.67
CA PHE B 126 23.87 6.29 -6.92
C PHE B 126 23.17 7.65 -6.78
N PRO B 127 22.81 8.04 -5.54
CA PRO B 127 21.85 9.15 -5.42
C PRO B 127 22.31 10.46 -6.04
N GLU B 128 21.42 11.10 -6.79
CA GLU B 128 21.61 12.42 -7.38
C GLU B 128 22.68 12.46 -8.46
N ARG B 129 22.92 11.29 -9.09
CA ARG B 129 23.94 11.17 -10.13
C ARG B 129 23.36 10.68 -11.47
N ILE B 130 22.04 10.72 -11.58
CA ILE B 130 21.39 10.15 -12.77
C ILE B 130 20.65 11.23 -13.55
N LEU B 132 18.28 11.78 -16.92
CA LEU B 132 17.47 11.01 -17.85
C LEU B 132 17.16 11.79 -19.13
N GLY B 133 17.95 11.55 -20.18
CA GLY B 133 17.62 12.05 -21.50
C GLY B 133 16.69 11.05 -22.14
N VAL B 134 15.58 11.56 -22.68
CA VAL B 134 14.54 10.73 -23.32
C VAL B 134 14.31 11.14 -24.76
N SER B 135 14.03 10.16 -25.62
CA SER B 135 13.66 10.46 -27.00
C SER B 135 12.61 9.51 -27.53
N SER B 136 12.13 9.79 -28.73
CA SER B 136 11.18 8.94 -29.43
C SER B 136 11.84 7.88 -30.34
N GLY B 137 13.15 7.98 -30.55
CA GLY B 137 13.92 6.90 -31.18
C GLY B 137 14.04 6.99 -32.70
N ASP B 138 15.08 6.36 -33.26
N ASP B 138 15.08 6.33 -33.23
CA ASP B 138 15.25 6.29 -34.72
CA ASP B 138 15.34 6.34 -34.67
C ASP B 138 16.06 5.10 -35.22
C ASP B 138 16.00 5.08 -35.22
N ARG B 139 16.33 4.14 -34.35
CA ARG B 139 16.95 2.88 -34.77
C ARG B 139 15.91 1.94 -35.38
N ARG B 140 15.67 2.10 -36.68
CA ARG B 140 14.63 1.35 -37.39
C ARG B 140 14.64 -0.15 -37.11
N ALA B 141 15.82 -0.75 -37.01
CA ALA B 141 15.93 -2.18 -36.78
C ALA B 141 15.44 -2.58 -35.38
N ASP B 142 15.58 -1.67 -34.41
CA ASP B 142 15.10 -1.92 -33.06
C ASP B 142 13.57 -1.92 -33.03
N PHE B 143 12.95 -0.90 -33.63
CA PHE B 143 11.49 -0.86 -33.82
C PHE B 143 10.94 -2.17 -34.43
N LYS B 144 11.56 -2.59 -35.52
CA LYS B 144 11.12 -3.77 -36.23
C LYS B 144 11.24 -5.04 -35.36
N ALA B 145 12.31 -5.12 -34.58
CA ALA B 145 12.59 -6.31 -33.77
C ALA B 145 11.70 -6.40 -32.53
N LEU B 146 11.20 -5.26 -32.08
CA LEU B 146 10.39 -5.15 -30.87
C LEU B 146 8.92 -5.09 -31.24
N GLY B 147 8.64 -4.98 -32.53
CA GLY B 147 7.27 -4.95 -33.02
C GLY B 147 6.58 -3.65 -32.68
N VAL B 148 7.31 -2.54 -32.67
CA VAL B 148 6.76 -1.23 -32.42
C VAL B 148 6.79 -0.43 -33.71
N SER B 149 5.75 0.35 -33.93
CA SER B 149 5.63 1.16 -35.11
C SER B 149 6.45 2.44 -34.99
N HIS B 150 7.31 2.66 -35.99
CA HIS B 150 8.11 3.86 -36.10
C HIS B 150 7.28 5.08 -36.44
N GLU B 151 6.25 4.89 -37.26
CA GLU B 151 5.44 6.02 -37.74
C GLU B 151 4.71 6.77 -36.65
N THR B 152 4.11 6.02 -35.72
CA THR B 152 3.39 6.63 -34.61
C THR B 152 4.22 6.79 -33.31
N ARG B 153 5.55 6.90 -33.44
CA ARG B 153 6.41 7.01 -32.26
C ARG B 153 6.21 8.33 -31.50
N GLY B 154 5.77 9.38 -32.20
CA GLY B 154 5.49 10.66 -31.58
C GLY B 154 4.33 10.62 -30.61
N GLU B 155 3.31 9.85 -30.95
N GLU B 155 3.32 9.83 -30.95
CA GLU B 155 2.16 9.67 -30.06
CA GLU B 155 2.14 9.62 -30.12
C GLU B 155 2.52 8.71 -28.92
C GLU B 155 2.55 8.74 -28.94
N LYS B 156 3.27 7.67 -29.22
CA LYS B 156 3.72 6.74 -28.18
C LYS B 156 4.61 7.45 -27.20
N PHE B 157 5.47 8.34 -27.69
CA PHE B 157 6.34 9.12 -26.84
C PHE B 157 5.53 9.93 -25.84
N ARG B 158 4.51 10.67 -26.28
CA ARG B 158 3.73 11.51 -25.35
C ARG B 158 3.03 10.65 -24.29
N GLU B 159 2.48 9.52 -24.73
CA GLU B 159 1.75 8.60 -23.88
C GLU B 159 2.71 8.01 -22.85
N ALA B 160 3.87 7.52 -23.31
CA ALA B 160 4.94 7.02 -22.43
C ALA B 160 5.48 8.06 -21.42
N PHE B 161 5.74 9.27 -21.88
CA PHE B 161 6.23 10.32 -21.01
C PHE B 161 5.26 10.61 -19.84
N ALA B 162 3.97 10.74 -20.16
CA ALA B 162 2.94 10.96 -19.14
C ALA B 162 2.88 9.81 -18.13
N TYR B 163 2.99 8.58 -18.62
CA TYR B 163 2.95 7.38 -17.77
C TYR B 163 4.18 7.37 -16.87
N LEU B 164 5.34 7.69 -17.46
CA LEU B 164 6.62 7.65 -16.74
C LEU B 164 6.60 8.58 -15.54
N GLU B 165 6.07 9.77 -15.71
CA GLU B 165 6.00 10.71 -14.59
C GLU B 165 4.94 10.38 -13.53
N GLU B 166 3.84 9.73 -13.91
CA GLU B 166 2.87 9.33 -12.88
C GLU B 166 3.49 8.24 -12.02
N ILE B 167 4.03 7.22 -12.69
CA ILE B 167 4.52 6.06 -12.00
C ILE B 167 5.80 6.33 -11.17
N LEU B 168 6.65 7.24 -11.61
CA LEU B 168 7.87 7.59 -10.88
C LEU B 168 7.65 8.34 -9.59
N TYR B 169 6.64 9.20 -9.54
CA TYR B 169 6.57 10.19 -8.48
C TYR B 169 5.30 10.14 -7.63
N LYS B 170 4.45 9.16 -7.87
CA LYS B 170 3.21 9.08 -7.13
C LYS B 170 3.08 7.78 -6.36
N ASN B 171 2.36 7.86 -5.24
CA ASN B 171 2.10 6.69 -4.41
C ASN B 171 0.78 6.08 -4.84
N PHE B 172 0.81 4.86 -5.36
CA PHE B 172 -0.40 4.18 -5.84
C PHE B 172 -1.24 5.08 -6.76
N PRO B 173 -0.69 5.48 -7.93
CA PRO B 173 -1.46 6.30 -8.85
C PRO B 173 -2.52 5.49 -9.63
N SER B 174 -3.51 6.18 -10.17
CA SER B 174 -4.39 5.59 -11.14
C SER B 174 -3.86 5.88 -12.53
N ILE B 175 -3.61 4.82 -13.30
CA ILE B 175 -3.08 4.96 -14.63
C ILE B 175 -3.93 4.13 -15.57
N GLN B 176 -4.66 4.79 -16.46
N GLN B 176 -4.54 4.82 -16.52
CA GLN B 176 -5.29 4.10 -17.58
CA GLN B 176 -5.34 4.21 -17.59
C GLN B 176 -4.62 4.66 -18.82
C GLN B 176 -4.75 4.64 -18.93
N SER B 177 -3.92 3.77 -19.54
CA SER B 177 -3.10 4.16 -20.66
C SER B 177 -3.18 3.07 -21.69
N THR B 178 -2.90 3.44 -22.94
CA THR B 178 -2.79 2.46 -24.02
C THR B 178 -1.60 1.54 -23.75
N LEU B 179 -0.70 1.96 -22.88
CA LEU B 179 0.52 1.18 -22.57
C LEU B 179 0.32 0.17 -21.43
N GLY B 180 -0.76 0.36 -20.68
CA GLY B 180 -1.06 -0.51 -19.57
C GLY B 180 -1.87 0.19 -18.51
N GLU B 181 -2.12 -0.53 -17.42
N GLU B 181 -2.17 -0.53 -17.44
CA GLU B 181 -3.02 -0.07 -16.37
CA GLU B 181 -2.98 0.04 -16.37
C GLU B 181 -2.46 -0.36 -14.98
C GLU B 181 -2.46 -0.33 -14.99
N VAL B 182 -2.57 0.63 -14.08
CA VAL B 182 -2.25 0.40 -12.67
C VAL B 182 -3.36 0.99 -11.79
N HIS B 183 -4.01 0.11 -11.05
CA HIS B 183 -5.02 0.47 -10.08
C HIS B 183 -4.85 -0.43 -8.88
N GLY B 184 -4.12 0.05 -7.88
CA GLY B 184 -3.88 -0.73 -6.67
C GLY B 184 -2.42 -1.12 -6.41
N ALA B 185 -1.53 -0.83 -7.34
CA ALA B 185 -0.13 -1.21 -7.20
C ALA B 185 0.76 0.04 -7.26
N ASN B 186 2.03 -0.10 -6.89
CA ASN B 186 2.88 1.05 -6.67
C ASN B 186 4.32 0.79 -7.12
N LEU B 187 5.00 1.81 -7.61
CA LEU B 187 6.42 1.65 -7.94
C LEU B 187 7.31 1.74 -6.71
N VAL B 188 8.20 0.76 -6.55
CA VAL B 188 9.30 0.86 -5.61
C VAL B 188 10.55 0.39 -6.34
N PRO B 189 11.70 1.02 -6.06
CA PRO B 189 11.87 2.15 -5.14
C PRO B 189 11.42 3.43 -5.82
N LYS B 190 11.35 4.50 -5.07
CA LYS B 190 11.11 5.80 -5.66
C LYS B 190 12.46 6.48 -5.67
N PRO B 191 12.73 7.35 -6.65
CA PRO B 191 14.01 8.03 -6.53
C PRO B 191 13.90 8.95 -5.32
N SER B 192 15.03 9.17 -4.66
N SER B 192 15.00 9.20 -4.62
CA SER B 192 15.10 10.00 -3.46
CA SER B 192 14.86 10.04 -3.42
C SER B 192 14.75 11.47 -3.71
C SER B 192 14.62 11.51 -3.75
N LYS B 193 15.13 11.97 -4.89
CA LYS B 193 14.78 13.31 -5.37
C LYS B 193 14.27 13.16 -6.78
N ARG B 194 13.63 14.21 -7.28
CA ARG B 194 13.27 14.26 -8.69
C ARG B 194 14.47 13.94 -9.57
N VAL B 195 14.23 13.20 -10.66
CA VAL B 195 15.32 12.90 -11.60
C VAL B 195 15.27 13.89 -12.77
N PRO B 196 16.35 14.66 -12.99
CA PRO B 196 16.29 15.65 -14.07
C PRO B 196 16.08 14.90 -15.37
N THR B 197 15.06 15.33 -16.11
CA THR B 197 14.61 14.63 -17.31
C THR B 197 14.60 15.61 -18.47
N PHE B 198 15.38 15.29 -19.50
CA PHE B 198 15.62 16.21 -20.59
C PHE B 198 15.11 15.63 -21.89
N ILE B 199 14.38 16.46 -22.65
CA ILE B 199 13.90 16.06 -23.95
C ILE B 199 15.04 16.10 -24.98
N THR B 200 15.26 15.01 -25.71
CA THR B 200 16.37 14.93 -26.66
C THR B 200 15.87 15.07 -28.10
N GLY B 201 16.51 15.92 -28.90
CA GLY B 201 16.00 16.26 -30.23
C GLY B 201 14.65 16.94 -30.14
N PHE B 202 13.86 16.83 -31.21
CA PHE B 202 12.49 17.32 -31.15
C PHE B 202 11.60 16.23 -30.61
N SER B 203 12.07 14.99 -30.74
CA SER B 203 11.33 13.80 -30.32
C SER B 203 9.92 13.80 -30.90
N GLN B 204 9.78 14.34 -32.11
CA GLN B 204 8.51 14.39 -32.86
C GLN B 204 7.49 15.29 -32.21
N GLN B 205 7.94 16.13 -31.28
CA GLN B 205 7.06 17.09 -30.64
C GLN B 205 7.30 18.48 -31.24
N ASN B 206 6.43 19.42 -30.97
CA ASN B 206 6.78 20.78 -31.32
C ASN B 206 7.52 21.45 -30.17
N GLU B 208 6.88 24.10 -28.39
N GLU B 208 6.86 24.08 -28.38
CA GLU B 208 5.95 24.38 -27.31
CA GLU B 208 5.98 24.38 -27.26
C GLU B 208 5.94 23.21 -26.31
C GLU B 208 5.83 23.22 -26.29
N TRP B 209 5.85 21.99 -26.82
CA TRP B 209 5.74 20.81 -25.98
C TRP B 209 6.98 20.62 -25.09
N PHE B 210 8.18 20.63 -25.66
CA PHE B 210 9.37 20.49 -24.82
C PHE B 210 9.82 21.78 -24.14
N ALA B 211 9.01 22.83 -24.25
CA ALA B 211 9.19 23.98 -23.37
C ALA B 211 8.39 23.72 -22.11
N GLU B 212 7.23 23.10 -22.27
CA GLU B 212 6.29 22.89 -21.18
C GLU B 212 6.50 21.59 -20.39
N HIS B 213 7.08 20.56 -21.01
CA HIS B 213 7.33 19.28 -20.36
C HIS B 213 8.82 19.00 -20.29
N GLY B 214 9.28 18.30 -19.25
CA GLY B 214 10.69 18.01 -19.10
C GLY B 214 11.44 19.11 -18.35
N ASP B 215 12.72 18.87 -18.08
CA ASP B 215 13.49 19.75 -17.21
C ASP B 215 14.56 20.51 -17.98
N GLY B 216 14.61 20.28 -19.29
CA GLY B 216 15.57 20.96 -20.13
C GLY B 216 15.60 20.28 -21.47
N TRP B 217 16.41 20.82 -22.38
CA TRP B 217 16.43 20.38 -23.77
C TRP B 217 17.83 20.00 -24.25
N TYR B 219 19.84 19.07 -27.80
CA TYR B 219 19.72 19.06 -29.24
C TYR B 219 21.00 18.63 -29.91
N TYR B 220 20.95 18.40 -31.22
CA TYR B 220 22.08 17.90 -31.98
C TYR B 220 23.22 18.92 -32.12
N PRO B 221 24.44 18.41 -32.42
CA PRO B 221 25.57 19.31 -32.67
C PRO B 221 25.26 20.30 -33.82
N ARG B 222 25.26 21.58 -33.53
CA ARG B 222 25.15 22.61 -34.54
C ARG B 222 26.19 23.69 -34.24
N SER B 223 26.58 24.45 -35.26
CA SER B 223 27.45 25.60 -35.09
C SER B 223 26.74 26.56 -34.17
N PRO B 224 27.52 27.35 -33.42
CA PRO B 224 26.94 28.28 -32.45
C PRO B 224 26.03 29.33 -33.09
N VAL B 225 26.30 29.75 -34.32
CA VAL B 225 25.42 30.73 -34.98
C VAL B 225 24.06 30.05 -35.18
N HIS B 226 24.11 28.83 -35.69
CA HIS B 226 22.93 28.07 -35.96
C HIS B 226 22.13 27.72 -34.71
N GLN B 227 22.80 27.44 -33.59
CA GLN B 227 22.11 26.96 -32.41
C GLN B 227 21.48 28.08 -31.60
N ALA B 228 22.08 29.27 -31.69
CA ALA B 228 21.71 30.38 -30.82
C ALA B 228 20.22 30.72 -30.93
N GLY B 229 19.72 30.72 -32.16
CA GLY B 229 18.31 31.04 -32.41
C GLY B 229 17.35 30.11 -31.69
N ALA B 230 17.57 28.81 -31.88
CA ALA B 230 16.71 27.79 -31.29
C ALA B 230 16.72 27.90 -29.76
N ILE B 231 17.91 28.00 -29.17
CA ILE B 231 18.03 28.15 -27.72
C ILE B 231 17.21 29.35 -27.24
N GLY B 232 17.31 30.46 -27.97
CA GLY B 232 16.57 31.69 -27.67
C GLY B 232 15.06 31.53 -27.74
N GLN B 233 14.57 30.94 -28.83
N GLN B 233 14.54 30.94 -28.82
CA GLN B 233 13.14 30.71 -29.02
CA GLN B 233 13.09 30.79 -28.97
C GLN B 233 12.65 29.83 -27.90
C GLN B 233 12.50 29.73 -28.04
N TRP B 234 13.25 28.65 -27.81
CA TRP B 234 12.93 27.72 -26.75
C TRP B 234 12.86 28.39 -25.36
N ARG B 235 13.86 29.17 -24.97
CA ARG B 235 13.81 29.82 -23.64
C ARG B 235 12.69 30.87 -23.47
N GLU B 236 12.34 31.59 -24.55
CA GLU B 236 11.18 32.49 -24.52
C GLU B 236 9.91 31.71 -24.19
N LEU B 237 9.74 30.55 -24.83
CA LEU B 237 8.59 29.68 -24.53
C LEU B 237 8.63 29.12 -23.12
N VAL B 238 9.80 28.69 -22.65
CA VAL B 238 9.96 28.26 -21.26
C VAL B 238 9.51 29.36 -20.31
N GLU B 239 9.92 30.60 -20.61
CA GLU B 239 9.54 31.75 -19.82
C GLU B 239 8.02 32.02 -19.83
N ASP B 240 7.37 31.83 -20.97
CA ASP B 240 5.90 31.92 -21.03
C ASP B 240 5.20 30.90 -20.15
N TYR B 241 5.61 29.63 -20.26
CA TYR B 241 4.94 28.53 -19.54
C TYR B 241 5.31 28.47 -18.05
N HIS B 242 6.54 28.83 -17.71
CA HIS B 242 6.99 28.71 -16.31
C HIS B 242 7.90 29.90 -15.98
N PRO B 243 7.29 31.08 -15.72
CA PRO B 243 8.08 32.32 -15.55
C PRO B 243 9.10 32.21 -14.42
N ASP B 244 10.33 32.64 -14.72
CA ASP B 244 11.46 32.67 -13.77
C ASP B 244 12.15 31.34 -13.46
N VAL B 245 11.72 30.23 -14.10
CA VAL B 245 12.48 29.00 -13.93
C VAL B 245 13.66 28.96 -14.91
N PHE B 246 14.75 28.35 -14.49
CA PHE B 246 15.84 28.07 -15.39
C PHE B 246 15.75 26.61 -15.85
N LYS B 247 15.86 26.40 -17.17
CA LYS B 247 15.98 25.06 -17.71
C LYS B 247 17.24 25.01 -18.57
N PRO B 248 18.13 24.05 -18.29
CA PRO B 248 19.38 24.04 -19.03
C PRO B 248 19.26 23.53 -20.47
N PHE B 249 20.21 23.94 -21.31
CA PHE B 249 20.37 23.41 -22.66
C PHE B 249 21.64 22.56 -22.75
N ILE B 250 21.53 21.39 -23.35
CA ILE B 250 22.66 20.47 -23.45
C ILE B 250 22.94 20.18 -24.92
N GLN B 251 24.20 20.00 -25.29
CA GLN B 251 24.46 19.39 -26.59
C GLN B 251 25.74 18.57 -26.67
N PRO B 252 25.74 17.55 -27.54
CA PRO B 252 26.92 16.74 -27.82
C PRO B 252 27.82 17.48 -28.79
N HIS B 254 31.26 16.28 -31.48
CA HIS B 254 32.40 15.49 -31.90
C HIS B 254 33.65 16.35 -31.90
N LEU B 255 34.72 15.82 -31.35
CA LEU B 255 35.97 16.56 -31.31
C LEU B 255 37.07 15.68 -31.87
N ASP B 256 37.85 16.28 -32.78
CA ASP B 256 39.13 15.73 -33.23
C ASP B 256 40.18 16.73 -32.76
N LEU B 257 40.83 16.44 -31.64
CA LEU B 257 41.70 17.41 -30.97
C LEU B 257 43.07 17.28 -31.58
N SER B 258 43.51 18.36 -32.23
CA SER B 258 44.80 18.36 -32.89
C SER B 258 45.96 18.35 -31.88
N GLU B 259 47.05 17.69 -32.29
N GLU B 259 47.07 17.69 -32.22
CA GLU B 259 48.31 17.65 -31.56
CA GLU B 259 48.24 17.73 -31.34
C GLU B 259 48.87 19.05 -31.30
C GLU B 259 48.72 19.17 -31.18
N ASP B 260 48.68 19.94 -32.27
CA ASP B 260 49.15 21.32 -32.23
C ASP B 260 48.07 22.19 -31.62
N PRO B 261 48.38 22.80 -30.47
CA PRO B 261 47.46 23.68 -29.73
C PRO B 261 46.97 24.87 -30.53
N ASN B 262 47.71 25.20 -31.57
CA ASN B 262 47.42 26.37 -32.38
C ASN B 262 46.61 26.08 -33.63
N GLU B 263 46.37 24.79 -33.94
CA GLU B 263 45.59 24.46 -35.15
C GLU B 263 44.20 25.12 -35.13
N ARG B 264 43.84 25.72 -36.26
N ARG B 264 43.84 25.71 -36.26
CA ARG B 264 42.60 26.46 -36.42
CA ARG B 264 42.59 26.45 -36.41
C ARG B 264 41.35 25.57 -36.31
C ARG B 264 41.35 25.57 -36.28
N PRO B 265 40.24 26.14 -35.81
CA PRO B 265 38.98 25.39 -35.73
C PRO B 265 38.39 25.12 -37.10
N THR B 266 38.26 23.85 -37.43
CA THR B 266 37.69 23.39 -38.68
C THR B 266 36.44 22.52 -38.44
N PRO B 267 35.26 22.95 -38.96
CA PRO B 267 34.06 22.10 -38.97
C PRO B 267 34.27 20.74 -39.62
N ILE B 268 34.00 19.69 -38.85
CA ILE B 268 33.88 18.31 -39.32
C ILE B 268 32.45 17.83 -39.05
N ARG B 269 32.16 16.60 -39.49
CA ARG B 269 30.87 15.95 -39.23
C ARG B 269 30.49 16.00 -37.73
N LEU B 270 29.41 16.70 -37.43
CA LEU B 270 28.87 16.79 -36.06
C LEU B 270 29.79 17.43 -35.03
N GLY B 271 30.75 18.24 -35.49
CA GLY B 271 31.65 18.95 -34.60
C GLY B 271 32.81 19.69 -35.26
N TYR B 272 33.97 19.65 -34.59
CA TYR B 272 35.14 20.43 -35.01
C TYR B 272 36.43 19.65 -34.90
N ARG B 273 37.31 19.85 -35.87
CA ARG B 273 38.72 19.55 -35.71
C ARG B 273 39.40 20.84 -35.30
N THR B 274 40.17 20.80 -34.23
CA THR B 274 40.76 22.02 -33.67
C THR B 274 41.85 21.72 -32.67
N GLY B 275 42.70 22.73 -32.44
CA GLY B 275 43.68 22.70 -31.36
C GLY B 275 43.02 23.23 -30.11
N ARG B 276 43.66 23.00 -28.96
CA ARG B 276 43.04 23.32 -27.70
C ARG B 276 42.70 24.80 -27.50
N LYS B 277 43.51 25.69 -28.08
CA LYS B 277 43.29 27.13 -27.91
C LYS B 277 41.98 27.57 -28.50
N ALA B 278 41.72 27.13 -29.73
CA ALA B 278 40.49 27.49 -30.40
C ALA B 278 39.29 26.74 -29.79
N LEU B 279 39.50 25.50 -29.34
CA LEU B 279 38.44 24.80 -28.63
C LEU B 279 37.92 25.61 -27.44
N ILE B 280 38.83 26.18 -26.66
CA ILE B 280 38.46 27.00 -25.49
C ILE B 280 37.61 28.18 -25.93
N GLU B 281 37.99 28.73 -27.07
CA GLU B 281 37.32 29.87 -27.65
C GLU B 281 35.90 29.48 -28.07
N LEU B 282 35.81 28.37 -28.80
CA LEU B 282 34.56 27.74 -29.21
C LEU B 282 33.63 27.51 -28.04
N LEU B 283 34.16 26.90 -26.97
CA LEU B 283 33.33 26.58 -25.82
C LEU B 283 32.80 27.82 -25.14
N ASP B 284 33.59 28.88 -25.15
CA ASP B 284 33.18 30.16 -24.56
C ASP B 284 32.06 30.80 -25.37
N ILE B 285 32.13 30.59 -26.68
CA ILE B 285 31.07 31.05 -27.55
C ILE B 285 29.78 30.28 -27.25
N TYR B 286 29.86 28.95 -27.27
CA TYR B 286 28.73 28.10 -26.86
C TYR B 286 28.17 28.54 -25.52
N LYS B 287 29.06 28.80 -24.56
CA LYS B 287 28.62 29.26 -23.26
C LYS B 287 27.82 30.56 -23.37
N SER B 288 28.22 31.45 -24.28
CA SER B 288 27.58 32.78 -24.36
C SER B 288 26.20 32.74 -25.01
N ILE B 289 26.00 31.85 -25.97
CA ILE B 289 24.67 31.66 -26.58
C ILE B 289 23.70 30.84 -25.72
N GLY B 290 24.20 30.24 -24.64
CA GLY B 290 23.32 29.66 -23.62
C GLY B 290 23.40 28.15 -23.42
N VAL B 291 24.45 27.54 -23.95
CA VAL B 291 24.71 26.13 -23.73
C VAL B 291 25.18 25.98 -22.29
N ASN B 292 24.65 24.98 -21.60
CA ASN B 292 24.95 24.77 -20.18
C ASN B 292 25.81 23.55 -19.88
N HIS B 293 25.73 22.53 -20.73
CA HIS B 293 26.58 21.35 -20.63
C HIS B 293 26.82 20.85 -22.04
N LEU B 294 28.07 20.53 -22.35
CA LEU B 294 28.40 20.10 -23.67
C LEU B 294 29.23 18.87 -23.48
N PHE B 295 28.90 17.81 -24.21
CA PHE B 295 29.64 16.59 -23.96
C PHE B 295 30.34 16.10 -25.19
N LEU B 296 31.58 15.65 -25.00
CA LEU B 296 32.49 15.45 -26.09
C LEU B 296 32.54 14.01 -26.52
N ALA B 297 32.36 13.82 -27.83
CA ALA B 297 32.50 12.52 -28.45
C ALA B 297 33.85 12.52 -29.14
N LEU B 298 34.71 11.57 -28.79
CA LEU B 298 36.06 11.51 -29.31
C LEU B 298 36.20 10.41 -30.35
N PHE B 299 35.07 9.91 -30.86
CA PHE B 299 35.06 8.69 -31.69
C PHE B 299 35.87 8.88 -32.97
N ASP B 300 35.80 10.09 -33.54
CA ASP B 300 36.37 10.38 -34.85
C ASP B 300 37.73 11.05 -34.81
N GLY B 301 38.25 11.30 -33.62
CA GLY B 301 39.56 11.89 -33.43
C GLY B 301 40.71 11.07 -34.01
N GLN B 302 41.76 11.76 -34.45
N GLN B 302 41.75 11.78 -34.44
CA GLN B 302 42.89 11.07 -35.05
CA GLN B 302 42.93 11.18 -35.04
C GLN B 302 43.85 10.52 -33.98
C GLN B 302 43.76 10.49 -33.96
N ARG B 303 43.85 11.15 -32.80
CA ARG B 303 44.65 10.69 -31.66
C ARG B 303 43.85 9.76 -30.72
N PRO B 304 44.52 8.79 -30.07
CA PRO B 304 43.86 7.91 -29.10
C PRO B 304 43.12 8.74 -28.05
N ALA B 305 42.01 8.23 -27.55
CA ALA B 305 41.20 9.00 -26.62
C ALA B 305 41.92 9.29 -25.33
N ASP B 306 42.79 8.39 -24.88
CA ASP B 306 43.46 8.59 -23.58
C ASP B 306 44.30 9.86 -23.55
N GLU B 307 45.10 10.08 -24.58
CA GLU B 307 45.91 11.30 -24.61
C GLU B 307 45.05 12.55 -24.82
N VAL B 308 43.98 12.43 -25.59
CA VAL B 308 43.10 13.56 -25.83
C VAL B 308 42.41 13.93 -24.53
N LEU B 309 41.98 12.92 -23.78
CA LEU B 309 41.34 13.13 -22.48
C LEU B 309 42.29 13.83 -21.48
N ASP B 310 43.57 13.41 -21.46
CA ASP B 310 44.57 14.06 -20.62
C ASP B 310 44.72 15.54 -20.96
N GLU B 311 44.92 15.83 -22.25
CA GLU B 311 45.06 17.22 -22.69
C GLU B 311 43.84 18.06 -22.30
N LEU B 312 42.64 17.50 -22.49
CA LEU B 312 41.42 18.23 -22.12
C LEU B 312 41.36 18.48 -20.62
N GLY B 313 41.75 17.49 -19.83
CA GLY B 313 41.67 17.57 -18.38
C GLY B 313 42.69 18.55 -17.81
N GLU B 314 43.90 18.51 -18.35
CA GLU B 314 44.97 19.40 -17.95
C GLU B 314 44.79 20.85 -18.44
N GLU B 315 44.40 21.01 -19.71
CA GLU B 315 44.40 22.33 -20.35
C GLU B 315 43.05 23.02 -20.55
N VAL B 316 41.95 22.25 -20.61
CA VAL B 316 40.66 22.82 -21.00
C VAL B 316 39.67 22.91 -19.83
N LEU B 317 39.54 21.82 -19.08
CA LEU B 317 38.63 21.77 -17.96
C LEU B 317 38.76 22.89 -16.93
N PRO B 318 40.00 23.35 -16.60
CA PRO B 318 40.09 24.50 -15.68
C PRO B 318 39.30 25.75 -16.13
N HIS B 319 39.09 25.89 -17.44
CA HIS B 319 38.28 27.01 -17.96
C HIS B 319 36.78 26.74 -17.95
N PHE B 320 36.40 25.49 -17.72
CA PHE B 320 35.00 25.07 -17.64
C PHE B 320 34.84 24.05 -16.52
N PRO B 321 35.07 24.49 -15.27
CA PRO B 321 35.16 23.56 -14.15
C PRO B 321 33.79 23.04 -13.70
N ALA B 322 33.79 21.87 -13.06
CA ALA B 322 32.62 21.39 -12.33
C ALA B 322 32.14 22.49 -11.38
N LEU B 323 30.83 22.67 -11.26
CA LEU B 323 30.29 23.74 -10.41
C LEU B 323 30.14 23.33 -8.95
N LYS C 5 -10.96 4.13 48.67
CA LYS C 5 -11.45 4.56 47.34
C LYS C 5 -11.06 3.65 46.14
N HIS C 6 -9.77 3.62 45.80
CA HIS C 6 -9.23 2.89 44.64
C HIS C 6 -9.33 1.35 44.78
N GLU C 8 -11.80 -0.17 46.37
CA GLU C 8 -13.19 -0.41 46.05
C GLU C 8 -13.46 -0.27 44.56
N LYS C 9 -12.52 0.36 43.85
CA LYS C 9 -12.82 0.96 42.55
C LYS C 9 -13.57 0.05 41.59
N PHE C 10 -13.15 -1.22 41.48
CA PHE C 10 -13.86 -2.15 40.61
C PHE C 10 -14.43 -3.35 41.38
N ALA C 11 -14.74 -3.10 42.65
CA ALA C 11 -15.19 -4.15 43.58
C ALA C 11 -16.44 -4.91 43.12
N ASN C 12 -17.39 -4.19 42.53
N ASN C 12 -17.35 -4.20 42.46
CA ASN C 12 -18.60 -4.81 41.97
CA ASN C 12 -18.60 -4.78 42.00
C ASN C 12 -18.76 -4.55 40.47
C ASN C 12 -18.64 -5.08 40.49
N HIS C 13 -17.63 -4.58 39.77
CA HIS C 13 -17.58 -4.64 38.31
C HIS C 13 -17.39 -6.07 37.78
N PHE C 14 -18.40 -6.59 37.08
CA PHE C 14 -18.43 -8.00 36.66
C PHE C 14 -17.30 -8.40 35.70
N GLY C 15 -17.11 -7.62 34.62
CA GLY C 15 -16.10 -7.91 33.63
C GLY C 15 -14.70 -7.88 34.22
N TYR C 16 -14.40 -6.80 34.96
CA TYR C 16 -13.12 -6.64 35.65
C TYR C 16 -12.75 -7.81 36.56
N ASN C 17 -13.68 -8.22 37.43
CA ASN C 17 -13.39 -9.27 38.40
C ASN C 17 -13.39 -10.66 37.79
N ARG C 18 -14.00 -10.81 36.63
CA ARG C 18 -13.94 -12.07 35.91
C ARG C 18 -12.56 -12.22 35.21
N PHE C 20 -9.51 -10.06 36.03
CA PHE C 20 -8.34 -9.63 36.78
C PHE C 20 -8.39 -9.96 38.27
N ALA C 21 -7.26 -10.41 38.81
CA ALA C 21 -7.02 -10.55 40.27
C ALA C 21 -5.53 -10.77 40.50
N LYS C 22 -4.99 -10.17 41.56
CA LYS C 22 -3.61 -10.35 41.98
C LYS C 22 -3.20 -11.81 41.95
N ASP C 23 -2.03 -12.10 41.36
CA ASP C 23 -1.45 -13.45 41.28
C ASP C 23 -2.25 -14.46 40.45
N GLN C 24 -3.28 -13.98 39.78
CA GLN C 24 -4.07 -14.81 38.87
C GLN C 24 -3.90 -14.33 37.41
N LEU C 25 -3.97 -15.26 36.47
CA LEU C 25 -3.91 -14.94 35.04
C LEU C 25 -5.12 -15.50 34.33
N THR C 26 -5.82 -14.68 33.57
CA THR C 26 -6.87 -15.17 32.64
C THR C 26 -6.42 -14.99 31.18
N LEU C 27 -6.99 -15.80 30.29
CA LEU C 27 -6.72 -15.73 28.86
C LEU C 27 -7.80 -14.95 28.07
N GLY C 28 -7.36 -14.21 27.07
CA GLY C 28 -8.26 -13.57 26.12
C GLY C 28 -7.93 -13.95 24.69
N VAL C 29 -8.71 -13.41 23.75
CA VAL C 29 -8.50 -13.75 22.35
C VAL C 29 -8.49 -12.48 21.49
N HIS C 30 -7.55 -12.42 20.55
CA HIS C 30 -7.37 -11.26 19.68
C HIS C 30 -8.21 -11.42 18.40
N ILE C 31 -9.08 -10.46 18.09
CA ILE C 31 -9.76 -10.46 16.80
C ILE C 31 -8.75 -9.93 15.77
N PRO C 32 -8.70 -10.50 14.54
CA PRO C 32 -9.38 -11.63 13.91
C PRO C 32 -8.93 -12.98 14.44
N ILE C 33 -9.89 -13.82 14.78
CA ILE C 33 -9.60 -15.19 15.10
C ILE C 33 -9.51 -15.91 13.77
N GLU C 34 -8.35 -15.80 13.13
CA GLU C 34 -8.13 -16.34 11.79
C GLU C 34 -6.63 -16.34 11.50
N ASN C 35 -6.09 -17.37 10.89
CA ASN C 35 -4.67 -17.35 10.58
C ASN C 35 -4.36 -16.78 9.19
N TYR C 36 -4.64 -15.50 9.00
CA TYR C 36 -4.51 -14.90 7.69
C TYR C 36 -3.08 -14.74 7.16
N GLN C 37 -2.09 -14.76 8.06
CA GLN C 37 -0.67 -14.69 7.67
C GLN C 37 -0.31 -13.42 6.85
N PHE C 38 0.14 -13.57 5.61
CA PHE C 38 0.51 -12.41 4.78
C PHE C 38 -0.64 -11.78 3.98
N HIS C 39 -1.83 -12.38 4.05
CA HIS C 39 -2.96 -11.90 3.28
C HIS C 39 -4.10 -11.40 4.17
N ALA C 40 -4.95 -10.54 3.61
CA ALA C 40 -6.11 -9.99 4.31
C ALA C 40 -6.97 -11.12 4.82
N PRO C 41 -7.53 -11.00 6.04
CA PRO C 41 -8.49 -12.03 6.48
C PRO C 41 -9.83 -11.93 5.72
N THR C 42 -10.55 -13.04 5.64
CA THR C 42 -11.87 -13.11 5.04
C THR C 42 -12.96 -12.68 6.04
N GLU C 44 -14.57 -14.57 7.98
N GLU C 44 -14.60 -14.57 7.97
CA GLU C 44 -15.57 -15.62 8.11
CA GLU C 44 -15.66 -15.56 8.10
C GLU C 44 -15.62 -16.13 9.56
C GLU C 44 -15.63 -16.17 9.51
N LYS C 45 -16.80 -16.61 9.99
CA LYS C 45 -16.96 -17.31 11.28
C LYS C 45 -16.61 -16.54 12.56
N GLN C 46 -16.44 -15.23 12.49
CA GLN C 46 -15.99 -14.49 13.67
C GLN C 46 -16.99 -14.57 14.83
N VAL C 47 -18.27 -14.41 14.53
CA VAL C 47 -19.30 -14.47 15.55
C VAL C 47 -19.26 -15.84 16.22
N GLU C 48 -19.22 -16.88 15.39
CA GLU C 48 -19.25 -18.26 15.85
C GLU C 48 -18.05 -18.53 16.77
N LEU C 49 -16.89 -18.03 16.36
CA LEU C 49 -15.63 -18.22 17.09
C LEU C 49 -15.60 -17.42 18.40
N VAL C 50 -16.05 -16.17 18.36
CA VAL C 50 -16.14 -15.38 19.59
C VAL C 50 -17.14 -16.01 20.57
N GLN C 51 -18.19 -16.66 20.05
CA GLN C 51 -19.13 -17.37 20.91
C GLN C 51 -18.49 -18.60 21.52
N LYS C 52 -17.73 -19.32 20.71
CA LYS C 52 -16.97 -20.45 21.24
C LYS C 52 -15.94 -20.03 22.30
N ALA C 53 -15.23 -18.93 22.05
CA ALA C 53 -14.30 -18.39 23.01
C ALA C 53 -15.01 -18.15 24.35
N GLU C 54 -16.18 -17.51 24.30
CA GLU C 54 -16.93 -17.18 25.50
C GLU C 54 -17.27 -18.44 26.29
N GLN C 55 -17.79 -19.45 25.61
N GLN C 55 -17.74 -19.46 25.57
CA GLN C 55 -18.16 -20.68 26.27
CA GLN C 55 -18.18 -20.74 26.12
C GLN C 55 -16.95 -21.35 26.92
C GLN C 55 -17.02 -21.60 26.68
N TYR C 56 -15.82 -21.34 26.21
CA TYR C 56 -14.61 -22.01 26.67
C TYR C 56 -13.98 -21.35 27.91
N GLY C 57 -14.34 -20.12 28.20
CA GLY C 57 -13.85 -19.49 29.40
C GLY C 57 -12.86 -18.35 29.18
N PHE C 58 -12.64 -17.95 27.93
CA PHE C 58 -11.84 -16.77 27.68
C PHE C 58 -12.59 -15.60 28.29
N THR C 59 -11.86 -14.62 28.79
CA THR C 59 -12.51 -13.53 29.48
C THR C 59 -12.48 -12.23 28.67
N GLY C 60 -11.73 -12.20 27.58
CA GLY C 60 -11.57 -10.97 26.81
C GLY C 60 -11.49 -11.20 25.33
N VAL C 61 -12.12 -10.29 24.57
CA VAL C 61 -11.99 -10.25 23.12
C VAL C 61 -11.45 -8.87 22.84
N TRP C 62 -10.35 -8.79 22.08
CA TRP C 62 -9.66 -7.53 21.90
C TRP C 62 -9.58 -7.09 20.43
N LEU C 63 -9.77 -5.80 20.18
CA LEU C 63 -9.76 -5.27 18.82
C LEU C 63 -8.79 -4.11 18.72
N ARG C 64 -8.39 -3.76 17.49
CA ARG C 64 -7.47 -2.65 17.24
C ARG C 64 -8.18 -1.50 16.53
N ASP C 65 -7.58 -0.33 16.61
CA ASP C 65 -8.17 0.91 16.15
C ASP C 65 -7.39 1.42 14.91
N VAL C 66 -7.81 1.00 13.73
CA VAL C 66 -7.12 1.46 12.53
C VAL C 66 -8.07 1.83 11.36
N LEU C 67 -7.85 3.01 10.80
CA LEU C 67 -8.71 3.51 9.75
C LEU C 67 -8.30 2.96 8.37
N LEU C 68 -7.06 3.24 7.96
CA LEU C 68 -6.66 3.04 6.57
C LEU C 68 -5.73 1.87 6.35
N GLN C 69 -5.97 1.15 5.26
CA GLN C 69 -5.00 0.21 4.74
C GLN C 69 -3.73 0.98 4.36
N ASP C 70 -2.64 0.65 5.03
CA ASP C 70 -1.35 1.24 4.75
C ASP C 70 -0.39 0.11 4.39
N PRO C 71 -0.09 -0.04 3.08
CA PRO C 71 0.70 -1.16 2.62
C PRO C 71 2.11 -1.25 3.20
N ASP C 72 2.63 -0.15 3.73
CA ASP C 72 3.97 -0.20 4.33
C ASP C 72 3.99 -0.57 5.81
N PHE C 73 2.83 -0.88 6.39
CA PHE C 73 2.76 -1.08 7.82
C PHE C 73 3.00 -2.52 8.23
N GLY C 74 2.67 -3.47 7.35
CA GLY C 74 2.87 -4.88 7.64
C GLY C 74 1.73 -5.54 8.38
N ASP C 75 0.54 -4.96 8.29
CA ASP C 75 -0.64 -5.48 8.94
C ASP C 75 -1.72 -5.76 7.87
N PRO C 76 -1.68 -6.95 7.23
CA PRO C 76 -2.68 -7.29 6.22
C PRO C 76 -4.13 -7.16 6.70
N ALA C 77 -4.34 -7.08 8.00
CA ALA C 77 -5.71 -7.02 8.55
C ALA C 77 -6.24 -5.62 8.76
N THR C 78 -5.40 -4.60 8.59
CA THR C 78 -5.79 -3.23 8.88
C THR C 78 -6.64 -3.23 10.16
N GLY C 79 -6.05 -3.72 11.25
CA GLY C 79 -6.80 -3.92 12.49
C GLY C 79 -7.58 -5.22 12.41
N GLN C 80 -8.87 -5.09 12.09
CA GLN C 80 -9.68 -6.27 11.81
C GLN C 80 -10.55 -5.90 10.66
N ILE C 81 -10.08 -4.93 9.85
CA ILE C 81 -10.79 -4.44 8.66
C ILE C 81 -11.97 -3.53 9.01
N TYR C 82 -12.97 -4.08 9.69
CA TYR C 82 -14.11 -3.29 10.18
C TYR C 82 -13.71 -2.27 11.21
N ASP C 83 -14.44 -1.16 11.31
CA ASP C 83 -14.21 -0.16 12.36
C ASP C 83 -14.31 -0.78 13.73
N ILE C 86 -17.73 0.09 15.78
CA ILE C 86 -18.86 -0.59 15.17
C ILE C 86 -18.82 -2.11 15.37
N TYR C 87 -17.69 -2.72 15.09
CA TYR C 87 -17.56 -4.19 15.09
C TYR C 87 -17.62 -4.72 16.52
N LEU C 88 -17.05 -3.96 17.44
CA LEU C 88 -17.14 -4.32 18.85
C LEU C 88 -18.61 -4.45 19.26
N THR C 89 -19.39 -3.41 18.96
CA THR C 89 -20.83 -3.40 19.22
C THR C 89 -21.49 -4.68 18.69
N TYR C 90 -21.18 -4.99 17.45
CA TYR C 90 -21.81 -6.10 16.76
C TYR C 90 -21.43 -7.43 17.40
N LEU C 91 -20.15 -7.61 17.73
CA LEU C 91 -19.71 -8.84 18.37
C LEU C 91 -20.27 -8.96 19.80
N ALA C 92 -20.28 -7.83 20.54
CA ALA C 92 -20.82 -7.80 21.89
C ALA C 92 -22.30 -8.20 21.89
N SER C 93 -23.02 -7.77 20.85
CA SER C 93 -24.45 -8.03 20.76
C SER C 93 -24.78 -9.49 20.51
N LYS C 94 -23.77 -10.27 20.12
CA LYS C 94 -23.97 -11.71 19.86
C LYS C 94 -23.46 -12.58 21.00
N THR C 95 -23.10 -11.95 22.12
CA THR C 95 -22.53 -12.68 23.26
C THR C 95 -23.08 -12.20 24.61
N GLU C 96 -23.01 -13.06 25.62
CA GLU C 96 -23.71 -12.85 26.88
C GLU C 96 -22.87 -12.28 28.00
N LYS C 97 -21.57 -12.61 28.05
CA LYS C 97 -20.78 -12.31 29.26
C LYS C 97 -19.33 -11.87 29.04
N ILE C 98 -18.66 -12.43 28.03
CA ILE C 98 -17.22 -12.16 27.81
C ILE C 98 -17.02 -10.66 27.67
N ALA C 99 -15.87 -10.14 28.12
CA ALA C 99 -15.60 -8.70 27.96
C ALA C 99 -15.04 -8.36 26.59
N PHE C 100 -15.27 -7.12 26.17
CA PHE C 100 -14.66 -6.62 24.96
C PHE C 100 -13.74 -5.48 25.32
N GLY C 101 -12.52 -5.55 24.80
CA GLY C 101 -11.56 -4.50 25.07
C GLY C 101 -10.98 -3.91 23.81
N THR C 102 -10.59 -2.65 23.90
CA THR C 102 -9.94 -1.96 22.82
C THR C 102 -8.44 -1.92 23.11
N SER C 103 -7.67 -2.41 22.14
CA SER C 103 -6.23 -2.43 22.22
C SER C 103 -5.62 -1.78 20.97
N ALA C 104 -5.68 -0.45 20.86
CA ALA C 104 -6.14 0.46 21.88
C ALA C 104 -6.87 1.59 21.18
N THR C 105 -7.85 2.22 21.84
CA THR C 105 -8.50 3.43 21.36
C THR C 105 -7.42 4.50 21.28
N VAL C 106 -7.24 5.13 20.12
CA VAL C 106 -6.19 6.14 19.96
C VAL C 106 -6.71 7.54 20.29
N LEU C 107 -6.34 8.02 21.48
CA LEU C 107 -6.90 9.26 22.01
C LEU C 107 -6.38 10.51 21.35
N SER C 108 -5.26 10.40 20.63
CA SER C 108 -4.78 11.56 19.87
C SER C 108 -5.52 11.67 18.54
N LEU C 109 -6.27 10.62 18.20
CA LEU C 109 -6.89 10.50 16.90
C LEU C 109 -8.42 10.52 16.96
N ARG C 110 -8.96 10.04 18.08
CA ARG C 110 -10.40 10.07 18.34
C ARG C 110 -10.59 11.16 19.37
N HIS C 111 -11.54 12.07 19.15
CA HIS C 111 -11.79 13.15 20.11
C HIS C 111 -12.28 12.54 21.43
N PRO C 112 -11.78 13.05 22.57
CA PRO C 112 -12.18 12.49 23.87
C PRO C 112 -13.70 12.43 24.06
N LEU C 113 -14.43 13.44 23.57
CA LEU C 113 -15.90 13.47 23.66
C LEU C 113 -16.55 12.29 22.91
N ARG C 114 -16.00 11.95 21.74
CA ARG C 114 -16.57 10.86 20.95
C ARG C 114 -16.27 9.52 21.59
N VAL C 115 -15.06 9.40 22.16
CA VAL C 115 -14.71 8.19 22.91
C VAL C 115 -15.66 8.05 24.10
N ALA C 116 -15.81 9.14 24.86
CA ALA C 116 -16.71 9.15 26.02
C ALA C 116 -18.11 8.71 25.62
N LYS C 117 -18.66 9.33 24.58
CA LYS C 117 -20.02 9.03 24.14
C LYS C 117 -20.18 7.57 23.71
N GLU C 118 -19.21 7.07 22.94
CA GLU C 118 -19.29 5.73 22.41
C GLU C 118 -19.05 4.70 23.50
N ILE C 119 -18.09 4.96 24.39
CA ILE C 119 -17.84 4.04 25.53
C ILE C 119 -19.02 4.02 26.52
N ALA C 120 -19.52 5.22 26.85
CA ALA C 120 -20.68 5.31 27.73
C ALA C 120 -21.84 4.53 27.13
N THR C 121 -22.01 4.62 25.83
CA THR C 121 -23.09 3.91 25.18
C THR C 121 -22.88 2.40 25.24
N LEU C 122 -21.66 1.96 24.93
CA LEU C 122 -21.38 0.52 24.92
C LEU C 122 -21.58 -0.07 26.30
N ASP C 123 -21.17 0.67 27.31
CA ASP C 123 -21.37 0.21 28.66
C ASP C 123 -22.86 0.13 29.04
N GLN C 124 -23.68 1.10 28.62
CA GLN C 124 -25.13 1.01 28.80
C GLN C 124 -25.76 -0.21 28.12
N LEU C 125 -25.27 -0.57 26.93
CA LEU C 125 -25.84 -1.70 26.20
C LEU C 125 -25.33 -3.03 26.71
N PHE C 126 -24.07 -3.03 27.13
CA PHE C 126 -23.39 -4.25 27.56
C PHE C 126 -22.71 -3.94 28.89
N PRO C 127 -23.51 -3.83 29.97
CA PRO C 127 -22.98 -3.26 31.22
C PRO C 127 -21.83 -4.06 31.79
N GLU C 128 -20.75 -3.38 32.14
CA GLU C 128 -19.61 -3.99 32.82
C GLU C 128 -18.86 -5.01 31.97
N ARG C 129 -18.95 -4.86 30.65
CA ARG C 129 -18.29 -5.76 29.71
C ARG C 129 -17.31 -5.04 28.79
N ILE C 130 -16.97 -3.80 29.12
CA ILE C 130 -16.14 -2.95 28.27
C ILE C 130 -14.81 -2.58 28.97
N LEU C 132 -11.53 -0.31 28.26
CA LEU C 132 -10.98 0.77 27.47
C LEU C 132 -9.44 0.82 27.50
N GLY C 133 -8.77 0.07 26.62
CA GLY C 133 -7.35 0.31 26.36
C GLY C 133 -7.16 1.60 25.57
N VAL C 134 -6.26 2.47 26.01
CA VAL C 134 -6.02 3.75 25.33
C VAL C 134 -4.57 3.96 24.94
N SER C 135 -4.31 4.69 23.86
CA SER C 135 -2.94 4.94 23.43
C SER C 135 -2.78 6.21 22.63
N SER C 136 -1.54 6.57 22.34
CA SER C 136 -1.29 7.77 21.55
C SER C 136 -1.10 7.48 20.06
N GLY C 137 -1.11 6.20 19.68
CA GLY C 137 -1.16 5.81 18.26
C GLY C 137 0.14 5.68 17.50
N ASP C 138 0.16 4.80 16.50
N ASP C 138 0.15 4.78 16.51
CA ASP C 138 1.36 4.58 15.69
CA ASP C 138 1.35 4.43 15.72
C ASP C 138 1.13 4.76 14.18
C ASP C 138 1.08 4.21 14.22
N ARG C 139 -0.11 4.55 13.74
CA ARG C 139 -0.46 4.44 12.30
C ARG C 139 -0.37 5.80 11.61
N ARG C 140 0.77 6.05 10.97
N ARG C 140 0.76 6.05 10.95
CA ARG C 140 1.07 7.34 10.34
CA ARG C 140 1.07 7.37 10.38
C ARG C 140 0.05 7.81 9.32
C ARG C 140 0.16 7.82 9.24
N ALA C 141 -0.46 6.86 8.52
CA ALA C 141 -1.43 7.19 7.48
C ALA C 141 -2.69 7.82 8.09
N ASP C 142 -3.17 7.24 9.19
CA ASP C 142 -4.31 7.79 9.96
C ASP C 142 -4.03 9.21 10.45
N PHE C 143 -2.86 9.45 11.03
CA PHE C 143 -2.55 10.81 11.52
C PHE C 143 -2.67 11.77 10.37
N LYS C 144 -2.04 11.36 9.28
CA LYS C 144 -1.96 12.14 8.07
C LYS C 144 -3.38 12.45 7.55
N ALA C 145 -4.24 11.44 7.54
CA ALA C 145 -5.55 11.56 6.92
C ALA C 145 -6.55 12.32 7.78
N LEU C 146 -6.32 12.36 9.09
CA LEU C 146 -7.15 13.13 10.00
C LEU C 146 -6.60 14.52 10.26
N GLY C 147 -5.42 14.83 9.73
CA GLY C 147 -4.84 16.15 9.90
C GLY C 147 -4.40 16.37 11.34
N VAL C 148 -3.91 15.30 11.98
CA VAL C 148 -3.36 15.39 13.33
C VAL C 148 -1.84 15.19 13.27
N SER C 149 -1.14 16.08 13.96
CA SER C 149 0.30 15.98 14.04
C SER C 149 0.79 14.77 14.86
N HIS C 150 1.63 13.95 14.23
CA HIS C 150 2.24 12.79 14.88
C HIS C 150 3.26 13.20 15.95
N GLU C 151 4.01 14.23 15.66
CA GLU C 151 5.07 14.72 16.55
C GLU C 151 4.58 15.06 17.95
N THR C 152 3.40 15.65 18.04
CA THR C 152 2.90 16.13 19.32
C THR C 152 1.83 15.22 19.92
N ARG C 153 1.81 13.95 19.50
CA ARG C 153 0.80 13.00 20.01
C ARG C 153 0.85 12.78 21.52
N GLY C 154 2.05 12.94 22.11
CA GLY C 154 2.24 12.85 23.56
C GLY C 154 1.45 13.89 24.34
N GLU C 155 1.57 15.15 23.96
N GLU C 155 1.62 15.16 23.96
CA GLU C 155 0.84 16.23 24.63
CA GLU C 155 0.87 16.28 24.51
C GLU C 155 -0.67 16.10 24.36
C GLU C 155 -0.62 16.04 24.37
N LYS C 156 -1.03 15.75 23.13
CA LYS C 156 -2.44 15.54 22.80
C LYS C 156 -3.07 14.38 23.58
N PHE C 157 -2.30 13.32 23.81
CA PHE C 157 -2.76 12.20 24.62
C PHE C 157 -3.06 12.61 26.06
N ARG C 158 -2.14 13.34 26.69
CA ARG C 158 -2.36 13.83 28.06
C ARG C 158 -3.59 14.72 28.14
N GLU C 159 -3.65 15.70 27.24
CA GLU C 159 -4.78 16.60 27.09
C GLU C 159 -6.07 15.83 26.91
N ALA C 160 -6.08 14.89 25.96
CA ALA C 160 -7.28 14.10 25.69
C ALA C 160 -7.65 13.21 26.86
N PHE C 161 -6.66 12.63 27.54
CA PHE C 161 -6.93 11.75 28.67
C PHE C 161 -7.68 12.47 29.79
N ALA C 162 -7.25 13.69 30.08
CA ALA C 162 -7.84 14.52 31.14
C ALA C 162 -9.28 14.91 30.77
N TYR C 163 -9.45 15.42 29.54
CA TYR C 163 -10.76 15.74 28.99
C TYR C 163 -11.69 14.53 29.08
N LEU C 164 -11.23 13.39 28.62
CA LEU C 164 -12.02 12.14 28.67
C LEU C 164 -12.59 11.90 30.05
N GLU C 165 -11.69 11.91 31.04
CA GLU C 165 -12.04 11.56 32.42
C GLU C 165 -13.07 12.52 33.01
N GLU C 166 -12.91 13.82 32.74
CA GLU C 166 -13.87 14.83 33.16
C GLU C 166 -15.27 14.63 32.58
N ILE C 167 -15.38 14.60 31.25
CA ILE C 167 -16.68 14.50 30.60
C ILE C 167 -17.39 13.19 30.87
N LEU C 168 -16.62 12.12 31.06
CA LEU C 168 -17.20 10.79 31.20
C LEU C 168 -17.85 10.60 32.58
N TYR C 169 -17.28 11.24 33.60
CA TYR C 169 -17.68 10.93 34.98
C TYR C 169 -18.27 12.10 35.76
N LYS C 170 -18.19 13.31 35.23
CA LYS C 170 -18.76 14.45 35.95
C LYS C 170 -20.08 14.94 35.35
N ASN C 171 -21.07 15.17 36.21
CA ASN C 171 -22.31 15.81 35.76
C ASN C 171 -22.09 17.30 35.54
N PHE C 172 -22.51 17.79 34.39
CA PHE C 172 -22.36 19.20 34.01
C PHE C 172 -21.01 19.81 34.34
N PRO C 173 -19.91 19.23 33.78
CA PRO C 173 -18.57 19.71 34.08
C PRO C 173 -18.22 21.01 33.36
N SER C 174 -17.18 21.67 33.87
CA SER C 174 -16.61 22.82 33.23
C SER C 174 -15.25 22.43 32.70
N ILE C 175 -15.15 22.36 31.38
CA ILE C 175 -13.94 21.91 30.72
C ILE C 175 -13.43 23.02 29.80
N GLN C 176 -12.20 23.42 30.03
CA GLN C 176 -11.48 24.30 29.12
C GLN C 176 -10.29 23.51 28.63
N SER C 177 -10.16 23.37 27.32
CA SER C 177 -9.07 22.60 26.77
C SER C 177 -8.79 23.07 25.37
N THR C 178 -7.64 22.68 24.84
CA THR C 178 -7.27 23.02 23.46
C THR C 178 -8.14 22.23 22.47
N LEU C 179 -8.80 21.19 22.97
CA LEU C 179 -9.61 20.29 22.17
C LEU C 179 -11.08 20.70 22.12
N GLY C 180 -11.42 21.71 22.91
CA GLY C 180 -12.78 22.22 22.97
C GLY C 180 -13.17 22.57 24.38
N GLU C 181 -14.41 23.01 24.56
CA GLU C 181 -14.85 23.50 25.86
C GLU C 181 -16.33 23.23 26.14
N VAL C 182 -16.62 22.78 27.36
CA VAL C 182 -18.00 22.63 27.79
C VAL C 182 -18.28 23.43 29.06
N HIS C 183 -19.24 24.34 28.92
CA HIS C 183 -19.69 25.24 29.97
C HIS C 183 -21.19 25.31 29.88
N GLY C 184 -21.90 24.37 30.48
CA GLY C 184 -23.35 24.37 30.41
C GLY C 184 -23.99 23.06 29.98
N ALA C 185 -23.32 22.35 29.08
CA ALA C 185 -23.84 21.07 28.58
C ALA C 185 -23.39 19.88 29.43
N ASN C 186 -23.91 18.68 29.12
CA ASN C 186 -23.63 17.47 29.91
C ASN C 186 -23.63 16.20 29.05
N LEU C 187 -22.73 15.26 29.35
CA LEU C 187 -22.68 14.00 28.62
C LEU C 187 -23.77 13.05 29.09
N VAL C 188 -24.59 12.59 28.15
CA VAL C 188 -25.45 11.43 28.36
C VAL C 188 -25.17 10.47 27.20
N PRO C 189 -25.24 9.15 27.45
CA PRO C 189 -25.50 8.57 28.76
C PRO C 189 -24.21 8.60 29.57
N LYS C 190 -24.24 8.04 30.78
CA LYS C 190 -23.04 7.88 31.56
C LYS C 190 -22.88 6.39 31.77
N PRO C 191 -21.63 5.93 31.97
CA PRO C 191 -21.57 4.51 32.31
C PRO C 191 -22.11 4.34 33.73
N SER C 192 -22.81 3.25 33.98
N SER C 192 -22.76 3.21 34.00
CA SER C 192 -23.37 3.02 35.31
CA SER C 192 -23.39 2.99 35.30
C SER C 192 -22.25 2.95 36.36
C SER C 192 -22.42 2.52 36.39
N LYS C 193 -21.17 2.26 36.00
CA LYS C 193 -20.02 2.07 36.89
C LYS C 193 -18.79 2.56 36.12
N ARG C 194 -17.71 2.86 36.82
CA ARG C 194 -16.46 3.26 36.14
C ARG C 194 -15.96 2.21 35.12
N VAL C 195 -15.36 2.69 34.04
CA VAL C 195 -14.84 1.80 33.00
C VAL C 195 -13.36 1.61 33.19
N PRO C 196 -12.92 0.34 33.37
CA PRO C 196 -11.50 0.10 33.54
C PRO C 196 -10.76 0.67 32.33
N THR C 197 -9.79 1.53 32.58
CA THR C 197 -9.12 2.21 31.49
C THR C 197 -7.63 1.93 31.64
N PHE C 198 -7.03 1.32 30.61
CA PHE C 198 -5.64 0.90 30.69
C PHE C 198 -4.79 1.63 29.68
N ILE C 199 -3.62 2.09 30.14
CA ILE C 199 -2.66 2.70 29.26
C ILE C 199 -1.94 1.61 28.46
N THR C 200 -1.83 1.83 27.16
CA THR C 200 -1.24 0.86 26.25
C THR C 200 0.08 1.39 25.75
N GLY C 201 1.11 0.55 25.82
CA GLY C 201 2.49 0.93 25.51
C GLY C 201 2.95 2.02 26.48
N PHE C 202 3.96 2.78 26.09
CA PHE C 202 4.35 3.96 26.85
C PHE C 202 3.44 5.15 26.52
N SER C 203 2.89 5.17 25.29
CA SER C 203 2.11 6.30 24.76
C SER C 203 2.80 7.65 24.92
N GLN C 204 4.10 7.70 24.66
CA GLN C 204 4.88 8.93 24.83
C GLN C 204 4.91 9.48 26.28
N GLN C 205 4.50 8.66 27.25
CA GLN C 205 4.55 9.07 28.66
C GLN C 205 5.72 8.40 29.34
N ASN C 206 6.08 8.85 30.53
CA ASN C 206 7.01 8.08 31.35
C ASN C 206 6.24 7.17 32.28
N GLU C 208 6.19 7.00 35.41
CA GLU C 208 5.57 7.73 36.51
C GLU C 208 4.13 8.02 36.12
N TRP C 209 3.95 8.55 34.91
CA TRP C 209 2.64 8.91 34.39
C TRP C 209 1.62 7.76 34.38
N PHE C 210 1.96 6.61 33.78
CA PHE C 210 1.01 5.52 33.73
C PHE C 210 1.00 4.63 34.96
N ALA C 211 1.71 5.09 35.98
CA ALA C 211 1.55 4.55 37.32
C ALA C 211 0.51 5.42 38.06
N GLU C 212 0.55 6.74 37.92
N GLU C 212 0.64 6.73 37.91
CA GLU C 212 -0.44 7.58 38.62
CA GLU C 212 -0.29 7.69 38.46
C GLU C 212 -1.76 7.80 37.85
C GLU C 212 -1.67 7.48 37.82
N HIS C 213 -1.75 7.73 36.51
CA HIS C 213 -3.01 7.75 35.75
C HIS C 213 -3.45 6.40 35.18
N GLY C 214 -4.76 6.20 35.06
CA GLY C 214 -5.28 4.97 34.49
C GLY C 214 -5.40 3.86 35.51
N ASP C 215 -6.01 2.76 35.08
CA ASP C 215 -6.33 1.64 35.94
C ASP C 215 -5.43 0.44 35.78
N GLY C 216 -4.42 0.54 34.93
CA GLY C 216 -3.51 -0.55 34.70
C GLY C 216 -2.74 -0.37 33.43
N TRP C 217 -1.83 -1.30 33.14
CA TRP C 217 -0.90 -1.18 32.05
C TRP C 217 -0.92 -2.37 31.12
N TYR C 219 1.04 -3.84 27.76
CA TYR C 219 2.29 -3.67 27.01
C TYR C 219 2.49 -4.71 25.91
N TYR C 220 3.59 -4.61 25.17
CA TYR C 220 3.85 -5.46 24.01
C TYR C 220 4.27 -6.85 24.38
N PRO C 221 4.08 -7.81 23.46
CA PRO C 221 4.55 -9.14 23.77
C PRO C 221 6.06 -9.16 23.98
N ARG C 222 6.49 -9.87 25.03
CA ARG C 222 7.89 -9.94 25.43
C ARG C 222 8.04 -11.24 26.16
N SER C 223 9.20 -11.87 26.02
CA SER C 223 9.57 -13.03 26.82
C SER C 223 9.66 -12.62 28.30
N PRO C 224 9.55 -13.60 29.22
CA PRO C 224 9.67 -13.36 30.65
C PRO C 224 10.93 -12.53 31.05
N VAL C 225 12.12 -12.90 30.57
CA VAL C 225 13.30 -12.06 30.84
C VAL C 225 13.06 -10.63 30.41
N HIS C 226 12.42 -10.46 29.24
CA HIS C 226 12.27 -9.12 28.70
C HIS C 226 11.14 -8.35 29.35
N GLN C 227 10.21 -9.07 30.00
CA GLN C 227 9.05 -8.43 30.62
C GLN C 227 9.14 -8.19 32.13
N ALA C 228 9.69 -9.17 32.86
CA ALA C 228 9.67 -9.15 34.32
C ALA C 228 10.09 -7.81 34.96
N GLY C 229 11.20 -7.25 34.50
CA GLY C 229 11.69 -5.98 35.01
C GLY C 229 10.69 -4.83 35.01
N ALA C 230 10.12 -4.56 33.83
CA ALA C 230 9.19 -3.45 33.69
C ALA C 230 7.92 -3.61 34.55
N ILE C 231 7.40 -4.84 34.61
CA ILE C 231 6.24 -5.09 35.46
C ILE C 231 6.52 -4.74 36.93
N GLY C 232 7.66 -5.24 37.43
CA GLY C 232 8.13 -4.94 38.79
C GLY C 232 8.35 -3.46 39.04
N GLN C 233 9.07 -2.79 38.15
CA GLN C 233 9.31 -1.36 38.29
C GLN C 233 7.99 -0.60 38.31
N TRP C 234 7.12 -0.91 37.36
CA TRP C 234 5.85 -0.21 37.28
C TRP C 234 5.03 -0.41 38.57
N ARG C 235 4.89 -1.65 39.04
CA ARG C 235 4.10 -1.87 40.25
C ARG C 235 4.69 -1.17 41.48
N GLU C 236 6.01 -1.09 41.56
CA GLU C 236 6.66 -0.30 42.61
C GLU C 236 6.22 1.15 42.60
N LEU C 237 6.17 1.76 41.42
CA LEU C 237 5.70 3.13 41.32
C LEU C 237 4.21 3.27 41.68
N VAL C 238 3.44 2.20 41.46
CA VAL C 238 2.02 2.19 41.80
C VAL C 238 1.82 2.22 43.32
N GLU C 239 2.57 1.38 44.06
CA GLU C 239 2.67 1.49 45.53
C GLU C 239 2.92 2.90 46.01
N ASP C 240 3.95 3.57 45.48
CA ASP C 240 4.25 4.94 45.87
C ASP C 240 3.05 5.84 45.75
N TYR C 241 2.47 5.91 44.55
CA TYR C 241 1.40 6.86 44.26
C TYR C 241 0.05 6.43 44.86
N HIS C 242 -0.19 5.13 44.97
CA HIS C 242 -1.48 4.61 45.47
C HIS C 242 -1.24 3.34 46.30
N PRO C 243 -0.85 3.51 47.57
CA PRO C 243 -0.47 2.37 48.42
C PRO C 243 -1.59 1.34 48.57
N ASP C 244 -1.23 0.06 48.45
CA ASP C 244 -2.17 -1.07 48.60
C ASP C 244 -3.20 -1.27 47.48
N VAL C 245 -3.14 -0.47 46.42
CA VAL C 245 -4.02 -0.67 45.27
C VAL C 245 -3.40 -1.69 44.32
N PHE C 246 -4.20 -2.68 43.91
CA PHE C 246 -3.85 -3.56 42.80
C PHE C 246 -4.26 -2.96 41.45
N LYS C 247 -3.30 -2.87 40.52
CA LYS C 247 -3.58 -2.54 39.12
C LYS C 247 -3.05 -3.67 38.23
N PRO C 248 -3.88 -4.20 37.32
CA PRO C 248 -3.45 -5.36 36.55
C PRO C 248 -2.52 -5.02 35.39
N PHE C 249 -1.75 -6.01 34.96
CA PHE C 249 -0.86 -5.90 33.82
C PHE C 249 -1.36 -6.84 32.72
N ILE C 250 -1.34 -6.35 31.47
CA ILE C 250 -1.89 -7.10 30.35
C ILE C 250 -0.91 -7.15 29.19
N GLN C 251 -0.88 -8.26 28.45
CA GLN C 251 -0.09 -8.31 27.23
C GLN C 251 -0.66 -9.29 26.20
N PRO C 252 -0.42 -9.05 24.89
CA PRO C 252 -0.83 -10.04 23.90
C PRO C 252 0.24 -11.11 23.73
N HIS C 254 1.40 -13.62 20.26
CA HIS C 254 1.22 -14.34 19.01
C HIS C 254 1.53 -15.79 19.24
N LEU C 255 0.66 -16.67 18.79
CA LEU C 255 0.86 -18.09 19.06
C LEU C 255 0.79 -18.94 17.79
N ASP C 256 1.78 -19.80 17.59
CA ASP C 256 1.68 -20.79 16.55
C ASP C 256 1.56 -22.11 17.29
N LEU C 257 0.33 -22.55 17.54
CA LEU C 257 0.09 -23.78 18.30
C LEU C 257 0.44 -24.98 17.45
N SER C 258 1.46 -25.72 17.88
CA SER C 258 1.91 -26.88 17.15
C SER C 258 0.93 -28.03 17.29
N GLU C 259 0.78 -28.81 16.23
N GLU C 259 0.79 -28.81 16.21
CA GLU C 259 -0.07 -30.01 16.26
CA GLU C 259 -0.01 -30.04 16.21
C GLU C 259 0.46 -31.00 17.32
C GLU C 259 0.46 -30.97 17.33
N ASP C 260 1.78 -31.11 17.45
CA ASP C 260 2.41 -31.95 18.46
C ASP C 260 2.37 -31.26 19.83
N PRO C 261 1.68 -31.88 20.79
CA PRO C 261 1.51 -31.27 22.12
C PRO C 261 2.80 -31.23 22.98
N ASN C 262 3.77 -32.08 22.62
CA ASN C 262 5.03 -32.17 23.35
C ASN C 262 6.13 -31.27 22.83
N GLU C 263 5.86 -30.51 21.77
CA GLU C 263 6.85 -29.57 21.22
C GLU C 263 7.12 -28.41 22.18
N ARG C 264 8.38 -28.08 22.35
CA ARG C 264 8.82 -27.04 23.26
C ARG C 264 8.70 -25.67 22.58
N PRO C 265 8.72 -24.57 23.38
CA PRO C 265 8.60 -23.25 22.81
C PRO C 265 9.83 -22.85 22.04
N THR C 266 9.62 -22.22 20.90
CA THR C 266 10.66 -21.52 20.17
C THR C 266 10.09 -20.16 19.80
N PRO C 267 10.95 -19.15 19.62
CA PRO C 267 10.36 -17.82 19.43
C PRO C 267 9.86 -17.60 18.00
N ILE C 268 8.75 -16.87 17.86
CA ILE C 268 8.33 -16.31 16.57
C ILE C 268 8.18 -14.83 16.81
N ARG C 269 7.96 -14.06 15.76
CA ARG C 269 7.79 -12.63 15.94
C ARG C 269 6.65 -12.39 16.94
N LEU C 270 6.93 -11.66 18.02
CA LEU C 270 5.91 -11.29 19.02
C LEU C 270 5.22 -12.44 19.77
N GLY C 271 5.87 -13.60 19.87
CA GLY C 271 5.29 -14.73 20.59
C GLY C 271 6.05 -16.04 20.45
N TYR C 272 5.31 -17.14 20.46
CA TYR C 272 5.88 -18.47 20.48
C TYR C 272 5.22 -19.41 19.54
N ARG C 273 6.04 -20.30 18.96
CA ARG C 273 5.55 -21.55 18.43
C ARG C 273 5.79 -22.59 19.51
N THR C 274 4.73 -23.30 19.89
CA THR C 274 4.84 -24.26 20.97
C THR C 274 3.71 -25.29 20.94
N GLY C 275 3.95 -26.44 21.58
CA GLY C 275 2.89 -27.40 21.83
C GLY C 275 2.12 -26.92 23.05
N ARG C 276 0.98 -27.52 23.32
CA ARG C 276 0.11 -27.03 24.39
C ARG C 276 0.67 -27.24 25.81
N LYS C 277 1.36 -28.36 26.03
CA LYS C 277 1.91 -28.67 27.36
C LYS C 277 2.86 -27.57 27.78
N ALA C 278 3.88 -27.32 26.98
CA ALA C 278 4.75 -26.20 27.29
C ALA C 278 4.04 -24.84 27.35
N LEU C 279 2.92 -24.65 26.64
CA LEU C 279 2.22 -23.36 26.71
C LEU C 279 1.73 -23.12 28.13
N ILE C 280 1.22 -24.18 28.74
CA ILE C 280 0.75 -24.09 30.11
C ILE C 280 1.89 -23.64 31.02
N GLU C 281 3.09 -24.22 30.84
CA GLU C 281 4.21 -23.82 31.66
C GLU C 281 4.57 -22.36 31.41
N LEU C 282 4.63 -21.97 30.14
CA LEU C 282 4.89 -20.56 29.80
C LEU C 282 3.89 -19.62 30.46
N LEU C 283 2.61 -19.96 30.41
CA LEU C 283 1.61 -19.10 31.02
C LEU C 283 1.72 -19.03 32.56
N ASP C 284 2.08 -20.14 33.20
CA ASP C 284 2.42 -20.17 34.63
C ASP C 284 3.57 -19.22 34.94
N ILE C 285 4.58 -19.22 34.07
CA ILE C 285 5.70 -18.32 34.26
C ILE C 285 5.25 -16.86 34.16
N TYR C 286 4.46 -16.52 33.15
CA TYR C 286 3.97 -15.14 33.01
C TYR C 286 3.10 -14.73 34.19
N LYS C 287 2.29 -15.66 34.68
CA LYS C 287 1.54 -15.43 35.90
C LYS C 287 2.49 -15.05 37.03
N SER C 288 3.57 -15.82 37.18
CA SER C 288 4.46 -15.67 38.30
C SER C 288 5.21 -14.34 38.24
N ILE C 289 5.38 -13.79 37.04
CA ILE C 289 6.04 -12.48 36.95
C ILE C 289 5.03 -11.33 37.00
N GLY C 290 3.75 -11.66 37.15
CA GLY C 290 2.74 -10.64 37.38
C GLY C 290 1.86 -10.26 36.21
N VAL C 291 1.73 -11.15 35.22
CA VAL C 291 0.83 -10.90 34.11
C VAL C 291 -0.54 -11.36 34.58
N ASN C 292 -1.54 -10.50 34.42
CA ASN C 292 -2.90 -10.79 34.86
C ASN C 292 -3.85 -11.25 33.74
N HIS C 293 -3.67 -10.69 32.55
CA HIS C 293 -4.45 -11.11 31.37
C HIS C 293 -3.54 -11.18 30.17
N LEU C 294 -3.66 -12.26 29.41
CA LEU C 294 -2.83 -12.46 28.23
C LEU C 294 -3.75 -12.90 27.08
N PHE C 295 -3.74 -12.15 25.99
CA PHE C 295 -4.62 -12.45 24.86
C PHE C 295 -3.87 -12.96 23.63
N LEU C 296 -4.38 -14.06 23.08
CA LEU C 296 -3.72 -14.79 22.03
C LEU C 296 -4.11 -14.29 20.65
N ALA C 297 -3.11 -13.99 19.83
CA ALA C 297 -3.32 -13.66 18.44
C ALA C 297 -2.95 -14.89 17.62
N LEU C 298 -3.90 -15.39 16.82
CA LEU C 298 -3.67 -16.61 16.06
C LEU C 298 -3.31 -16.36 14.59
N PHE C 299 -3.07 -15.07 14.30
CA PHE C 299 -2.85 -14.53 12.95
C PHE C 299 -1.84 -15.27 12.10
N ASP C 300 -0.79 -15.77 12.76
CA ASP C 300 0.40 -16.25 12.07
C ASP C 300 0.62 -17.73 12.35
N GLY C 301 -0.37 -18.39 12.97
CA GLY C 301 -0.33 -19.83 13.18
C GLY C 301 -0.37 -20.58 11.86
N GLN C 302 0.24 -21.76 11.82
CA GLN C 302 0.19 -22.56 10.60
C GLN C 302 -1.04 -23.45 10.49
N ARG C 303 -1.76 -23.62 11.60
CA ARG C 303 -3.05 -24.31 11.59
C ARG C 303 -4.18 -23.28 11.60
N PRO C 304 -5.32 -23.60 10.96
CA PRO C 304 -6.50 -22.71 11.00
C PRO C 304 -6.94 -22.41 12.43
N ALA C 305 -7.39 -21.18 12.66
CA ALA C 305 -7.69 -20.68 13.98
C ALA C 305 -8.81 -21.43 14.69
N ASP C 306 -9.66 -22.13 13.95
CA ASP C 306 -10.78 -22.80 14.60
C ASP C 306 -10.34 -24.01 15.41
N GLU C 307 -9.50 -24.85 14.82
CA GLU C 307 -9.02 -26.03 15.52
C GLU C 307 -8.04 -25.67 16.64
N VAL C 308 -7.30 -24.58 16.45
CA VAL C 308 -6.44 -24.05 17.49
C VAL C 308 -7.28 -23.57 18.67
N LEU C 309 -8.34 -22.83 18.38
CA LEU C 309 -9.23 -22.34 19.42
C LEU C 309 -9.84 -23.50 20.18
N ASP C 310 -10.19 -24.58 19.47
CA ASP C 310 -10.80 -25.73 20.12
C ASP C 310 -9.81 -26.36 21.07
N GLU C 311 -8.58 -26.60 20.58
CA GLU C 311 -7.55 -27.22 21.39
C GLU C 311 -7.23 -26.38 22.63
N LEU C 312 -7.11 -25.06 22.46
CA LEU C 312 -6.89 -24.18 23.60
C LEU C 312 -8.04 -24.32 24.59
N GLY C 313 -9.27 -24.26 24.07
CA GLY C 313 -10.43 -24.25 24.92
C GLY C 313 -10.54 -25.53 25.71
N GLU C 314 -10.18 -26.65 25.08
CA GLU C 314 -10.32 -27.96 25.69
C GLU C 314 -9.13 -28.32 26.58
N GLU C 315 -7.94 -27.93 26.17
CA GLU C 315 -6.74 -28.39 26.85
C GLU C 315 -6.02 -27.34 27.70
N VAL C 316 -6.19 -26.07 27.38
CA VAL C 316 -5.46 -25.01 28.08
C VAL C 316 -6.33 -24.17 29.02
N LEU C 317 -7.52 -23.75 28.58
CA LEU C 317 -8.37 -22.89 29.44
C LEU C 317 -8.70 -23.41 30.85
N PRO C 318 -8.97 -24.74 30.99
CA PRO C 318 -9.21 -25.23 32.36
C PRO C 318 -8.09 -24.83 33.35
N HIS C 319 -6.85 -24.68 32.88
CA HIS C 319 -5.74 -24.30 33.77
C HIS C 319 -5.66 -22.81 34.05
N PHE C 320 -6.45 -22.03 33.32
CA PHE C 320 -6.47 -20.57 33.49
C PHE C 320 -7.90 -20.12 33.35
N PRO C 321 -8.77 -20.57 34.29
CA PRO C 321 -10.19 -20.39 34.08
C PRO C 321 -10.61 -18.95 34.38
N ALA C 322 -11.74 -18.54 33.81
CA ALA C 322 -12.39 -17.27 34.19
C ALA C 322 -12.58 -17.22 35.70
N LEU C 323 -12.31 -16.05 36.28
CA LEU C 323 -12.35 -15.89 37.71
C LEU C 323 -13.77 -15.76 38.21
N HIS D 6 -25.42 6.62 -13.83
CA HIS D 6 -26.10 7.50 -12.83
C HIS D 6 -27.63 7.35 -12.84
N GLU D 8 -29.22 4.44 -13.52
CA GLU D 8 -29.52 3.17 -12.87
C GLU D 8 -28.67 3.01 -11.60
N LYS D 9 -28.38 4.11 -10.91
CA LYS D 9 -27.41 4.10 -9.80
C LYS D 9 -27.74 3.13 -8.66
N PHE D 10 -29.03 2.94 -8.34
CA PHE D 10 -29.41 2.01 -7.28
C PHE D 10 -30.30 0.89 -7.79
N ALA D 11 -30.13 0.56 -9.07
CA ALA D 11 -30.94 -0.45 -9.73
C ALA D 11 -31.05 -1.76 -8.96
N ASN D 12 -29.99 -2.13 -8.26
CA ASN D 12 -30.00 -3.39 -7.54
C ASN D 12 -29.74 -3.24 -6.06
N HIS D 13 -30.17 -2.10 -5.51
CA HIS D 13 -29.94 -1.83 -4.11
C HIS D 13 -31.21 -2.15 -3.35
N PHE D 14 -31.17 -3.24 -2.60
CA PHE D 14 -32.34 -3.72 -1.87
C PHE D 14 -33.07 -2.65 -1.08
N GLY D 15 -32.39 -1.99 -0.15
CA GLY D 15 -33.04 -1.07 0.75
C GLY D 15 -33.56 0.15 0.03
N TYR D 16 -32.82 0.62 -0.95
CA TYR D 16 -33.23 1.78 -1.72
C TYR D 16 -34.56 1.50 -2.43
N ASN D 17 -34.63 0.37 -3.13
CA ASN D 17 -35.81 0.01 -3.90
C ASN D 17 -37.01 -0.42 -3.06
N ARG D 18 -36.76 -0.91 -1.85
CA ARG D 18 -37.87 -1.18 -0.94
C ARG D 18 -38.47 0.15 -0.42
N PHE D 20 -38.02 3.53 -2.01
CA PHE D 20 -38.13 4.65 -2.93
C PHE D 20 -38.58 4.24 -4.31
N ALA D 21 -39.54 4.97 -4.86
CA ALA D 21 -39.86 4.86 -6.29
C ALA D 21 -40.63 6.10 -6.67
N LYS D 22 -40.45 6.56 -7.91
CA LYS D 22 -41.19 7.71 -8.40
C LYS D 22 -42.70 7.57 -8.15
N ASP D 23 -43.31 8.62 -7.62
CA ASP D 23 -44.77 8.64 -7.31
C ASP D 23 -45.26 7.64 -6.26
N GLN D 24 -44.34 6.91 -5.62
CA GLN D 24 -44.68 6.12 -4.45
C GLN D 24 -44.24 6.79 -3.15
N LEU D 25 -44.92 6.45 -2.06
CA LEU D 25 -44.52 6.84 -0.71
C LEU D 25 -44.42 5.59 0.18
N THR D 26 -43.36 5.52 1.00
CA THR D 26 -43.25 4.50 2.03
C THR D 26 -43.03 5.20 3.34
N LEU D 27 -43.28 4.48 4.43
CA LEU D 27 -43.22 5.03 5.79
C LEU D 27 -42.07 4.47 6.64
N GLY D 28 -41.58 5.32 7.54
CA GLY D 28 -40.52 4.96 8.45
C GLY D 28 -40.86 5.37 9.87
N VAL D 29 -39.98 5.03 10.81
CA VAL D 29 -40.11 5.41 12.21
C VAL D 29 -38.90 6.15 12.70
N HIS D 30 -39.13 7.17 13.50
CA HIS D 30 -38.04 7.90 14.13
C HIS D 30 -37.71 7.21 15.46
N ILE D 31 -36.44 7.23 15.87
CA ILE D 31 -36.04 6.73 17.19
C ILE D 31 -35.93 7.96 18.08
N PRO D 32 -36.31 7.84 19.38
CA PRO D 32 -36.90 6.66 20.03
C PRO D 32 -38.37 6.49 19.68
N ILE D 33 -38.78 5.23 19.51
CA ILE D 33 -40.20 4.88 19.36
C ILE D 33 -40.83 4.90 20.76
N GLU D 34 -41.11 6.10 21.25
CA GLU D 34 -41.56 6.28 22.62
C GLU D 34 -42.11 7.69 22.78
N ASN D 35 -43.22 7.81 23.50
CA ASN D 35 -43.86 9.12 23.70
C ASN D 35 -43.43 9.84 24.97
N TYR D 36 -42.15 10.21 25.00
CA TYR D 36 -41.52 10.79 26.18
C TYR D 36 -41.85 12.26 26.37
N GLN D 37 -42.34 12.90 25.32
CA GLN D 37 -42.82 14.29 25.40
C GLN D 37 -41.80 15.29 25.97
N PHE D 38 -41.94 15.70 27.23
CA PHE D 38 -41.02 16.72 27.79
C PHE D 38 -39.96 16.16 28.74
N HIS D 39 -40.09 14.87 29.07
CA HIS D 39 -39.12 14.19 29.93
C HIS D 39 -38.18 13.30 29.11
N ALA D 40 -37.07 12.92 29.71
CA ALA D 40 -36.09 12.05 29.09
C ALA D 40 -36.69 10.66 28.84
N PRO D 41 -36.40 10.06 27.67
CA PRO D 41 -36.98 8.74 27.39
C PRO D 41 -36.29 7.61 28.17
N THR D 42 -37.03 6.53 28.42
CA THR D 42 -36.48 5.39 29.12
C THR D 42 -35.69 4.48 28.20
N GLU D 44 -36.90 1.83 26.81
CA GLU D 44 -37.37 0.46 26.93
C GLU D 44 -38.01 -0.03 25.65
N LYS D 45 -37.88 -1.34 25.40
CA LYS D 45 -38.60 -2.02 24.33
C LYS D 45 -38.25 -1.61 22.89
N GLN D 46 -37.25 -0.74 22.74
CA GLN D 46 -36.82 -0.29 21.41
C GLN D 46 -36.53 -1.42 20.42
N VAL D 47 -35.85 -2.48 20.84
CA VAL D 47 -35.61 -3.62 19.95
C VAL D 47 -36.91 -4.28 19.51
N GLU D 48 -37.78 -4.56 20.48
CA GLU D 48 -39.07 -5.20 20.23
C GLU D 48 -39.87 -4.34 19.26
N LEU D 49 -39.85 -3.03 19.48
CA LEU D 49 -40.60 -2.08 18.68
C LEU D 49 -40.09 -1.95 17.26
N VAL D 50 -38.76 -1.90 17.11
CA VAL D 50 -38.12 -1.83 15.80
C VAL D 50 -38.39 -3.11 15.02
N GLN D 51 -38.47 -4.23 15.72
CA GLN D 51 -38.82 -5.49 15.07
C GLN D 51 -40.27 -5.54 14.66
N LYS D 52 -41.15 -4.94 15.46
CA LYS D 52 -42.55 -4.85 15.09
C LYS D 52 -42.70 -3.97 13.87
N ALA D 53 -42.10 -2.77 13.92
CA ALA D 53 -42.09 -1.86 12.78
C ALA D 53 -41.62 -2.57 11.50
N GLU D 54 -40.61 -3.42 11.63
CA GLU D 54 -40.12 -4.16 10.48
C GLU D 54 -41.20 -5.09 9.92
N GLN D 55 -41.88 -5.80 10.79
N GLN D 55 -41.86 -5.85 10.80
CA GLN D 55 -42.87 -6.80 10.35
CA GLN D 55 -42.88 -6.80 10.37
C GLN D 55 -44.18 -6.17 9.84
C GLN D 55 -44.02 -6.05 9.66
N TYR D 56 -44.44 -4.94 10.24
CA TYR D 56 -45.56 -4.17 9.72
C TYR D 56 -45.33 -3.58 8.33
N GLY D 57 -44.08 -3.59 7.87
CA GLY D 57 -43.75 -3.09 6.53
C GLY D 57 -43.20 -1.67 6.45
N PHE D 58 -42.87 -1.06 7.59
CA PHE D 58 -42.09 0.18 7.57
C PHE D 58 -40.76 -0.05 6.87
N THR D 59 -40.22 0.96 6.19
CA THR D 59 -39.03 0.71 5.37
C THR D 59 -37.72 1.26 5.95
N GLY D 60 -37.82 2.18 6.91
CA GLY D 60 -36.64 2.81 7.48
C GLY D 60 -36.83 3.13 8.95
N VAL D 61 -35.72 3.07 9.68
CA VAL D 61 -35.63 3.51 11.07
C VAL D 61 -34.57 4.59 11.12
N TRP D 62 -34.86 5.72 11.75
CA TRP D 62 -34.00 6.90 11.63
C TRP D 62 -33.52 7.40 12.97
N LEU D 63 -32.25 7.77 13.03
CA LEU D 63 -31.64 8.21 14.27
C LEU D 63 -31.06 9.60 14.07
N ARG D 64 -30.73 10.28 15.16
CA ARG D 64 -30.15 11.61 15.08
C ARG D 64 -28.76 11.57 15.71
N ASP D 65 -27.96 12.60 15.42
CA ASP D 65 -26.55 12.66 15.76
C ASP D 65 -26.29 13.75 16.80
N VAL D 66 -26.40 13.40 18.07
CA VAL D 66 -26.23 14.38 19.14
C VAL D 66 -25.27 13.86 20.22
N LEU D 67 -24.29 14.69 20.57
CA LEU D 67 -23.35 14.33 21.65
C LEU D 67 -23.87 14.75 23.02
N LEU D 68 -23.88 16.05 23.25
CA LEU D 68 -24.18 16.59 24.57
C LEU D 68 -25.66 16.92 24.81
N GLN D 69 -26.12 16.64 26.03
CA GLN D 69 -27.38 17.17 26.55
C GLN D 69 -27.21 18.68 26.76
N ASP D 70 -28.07 19.45 26.11
CA ASP D 70 -28.05 20.90 26.22
C ASP D 70 -29.42 21.45 26.65
N PRO D 71 -29.48 22.05 27.85
CA PRO D 71 -30.76 22.60 28.35
C PRO D 71 -31.31 23.66 27.40
N ASP D 72 -30.44 24.54 26.92
CA ASP D 72 -30.81 25.54 25.91
C ASP D 72 -31.50 24.99 24.65
N PHE D 73 -31.18 23.76 24.24
CA PHE D 73 -31.74 23.23 23.00
C PHE D 73 -33.21 22.79 23.09
N GLY D 74 -33.62 22.31 24.26
CA GLY D 74 -35.00 21.83 24.44
C GLY D 74 -35.27 20.50 23.74
N ASP D 75 -34.27 19.61 23.72
CA ASP D 75 -34.48 18.24 23.27
C ASP D 75 -34.23 17.30 24.45
N PRO D 76 -35.30 16.85 25.11
CA PRO D 76 -35.13 16.00 26.29
C PRO D 76 -34.58 14.60 25.98
N ALA D 77 -34.47 14.24 24.70
CA ALA D 77 -33.95 12.93 24.31
C ALA D 77 -32.46 12.93 23.93
N THR D 78 -31.88 14.13 23.73
CA THR D 78 -30.50 14.27 23.25
C THR D 78 -30.25 13.32 22.06
N GLY D 79 -31.02 13.51 21.00
CA GLY D 79 -31.05 12.54 19.91
C GLY D 79 -31.81 11.30 20.35
N GLN D 80 -31.09 10.33 20.89
CA GLN D 80 -31.72 9.15 21.49
C GLN D 80 -30.83 8.62 22.62
N ILE D 81 -30.21 9.57 23.32
CA ILE D 81 -29.27 9.32 24.41
C ILE D 81 -27.99 8.64 23.89
N TYR D 82 -28.14 7.40 23.43
CA TYR D 82 -27.06 6.62 22.84
C TYR D 82 -26.48 7.29 21.60
N ASP D 83 -25.20 7.02 21.34
CA ASP D 83 -24.53 7.48 20.13
C ASP D 83 -25.21 6.84 18.93
N ILE D 86 -23.24 3.72 17.26
CA ILE D 86 -23.24 2.53 18.09
C ILE D 86 -24.66 1.92 18.12
N TYR D 87 -25.66 2.76 18.43
CA TYR D 87 -27.03 2.28 18.59
C TYR D 87 -27.64 1.75 17.28
N LEU D 88 -27.34 2.45 16.19
CA LEU D 88 -27.74 1.98 14.87
C LEU D 88 -27.22 0.55 14.65
N THR D 89 -25.93 0.33 14.96
CA THR D 89 -25.33 -0.99 14.76
C THR D 89 -26.16 -2.01 15.54
N TYR D 90 -26.40 -1.65 16.79
CA TYR D 90 -27.10 -2.49 17.75
C TYR D 90 -28.48 -2.90 17.25
N LEU D 91 -29.31 -1.90 16.92
CA LEU D 91 -30.66 -2.14 16.39
C LEU D 91 -30.66 -2.88 15.06
N ALA D 92 -29.75 -2.50 14.16
CA ALA D 92 -29.62 -3.20 12.87
C ALA D 92 -29.34 -4.68 13.07
N SER D 93 -28.56 -5.01 14.09
CA SER D 93 -28.14 -6.39 14.33
C SER D 93 -29.28 -7.26 14.84
N LYS D 94 -30.38 -6.62 15.23
CA LYS D 94 -31.54 -7.33 15.78
C LYS D 94 -32.66 -7.51 14.75
N THR D 95 -32.45 -6.99 13.54
CA THR D 95 -33.50 -6.97 12.52
C THR D 95 -32.96 -7.51 11.21
N GLU D 96 -33.84 -8.00 10.33
CA GLU D 96 -33.43 -8.74 9.14
C GLU D 96 -33.42 -7.94 7.85
N LYS D 97 -34.22 -6.89 7.76
CA LYS D 97 -34.42 -6.25 6.44
C LYS D 97 -34.69 -4.75 6.40
N ILE D 98 -35.32 -4.21 7.44
CA ILE D 98 -35.62 -2.78 7.45
C ILE D 98 -34.32 -1.99 7.28
N ALA D 99 -34.41 -0.83 6.64
CA ALA D 99 -33.22 -0.04 6.41
C ALA D 99 -33.03 0.89 7.59
N PHE D 100 -31.79 1.22 7.89
CA PHE D 100 -31.47 2.14 8.98
C PHE D 100 -30.81 3.35 8.36
N GLY D 101 -31.20 4.54 8.81
CA GLY D 101 -30.77 5.78 8.18
C GLY D 101 -30.33 6.80 9.20
N THR D 102 -29.33 7.60 8.85
CA THR D 102 -28.87 8.67 9.74
C THR D 102 -29.56 9.97 9.38
N SER D 103 -30.11 10.65 10.38
CA SER D 103 -30.82 11.90 10.13
C SER D 103 -30.45 12.99 11.10
N ALA D 104 -29.33 13.65 10.92
CA ALA D 104 -28.36 13.34 9.89
C ALA D 104 -26.97 13.23 10.53
N THR D 105 -26.09 12.44 9.93
CA THR D 105 -24.66 12.47 10.24
C THR D 105 -24.11 13.88 10.01
N VAL D 106 -23.53 14.47 11.05
CA VAL D 106 -23.08 15.84 10.95
C VAL D 106 -21.64 15.93 10.42
N LEU D 107 -21.53 16.21 9.12
CA LEU D 107 -20.25 16.26 8.42
C LEU D 107 -19.29 17.35 8.86
N SER D 108 -19.81 18.37 9.55
N SER D 108 -19.81 18.37 9.54
CA SER D 108 -18.96 19.42 10.08
CA SER D 108 -18.97 19.44 10.09
C SER D 108 -18.31 19.00 11.41
C SER D 108 -18.34 19.02 11.42
N LEU D 109 -18.86 17.95 12.02
CA LEU D 109 -18.49 17.55 13.38
C LEU D 109 -17.85 16.16 13.47
N ARG D 110 -18.12 15.33 12.46
CA ARG D 110 -17.49 14.05 12.33
C ARG D 110 -16.58 14.13 11.11
N HIS D 111 -15.33 13.71 11.27
CA HIS D 111 -14.40 13.65 10.14
C HIS D 111 -14.92 12.72 9.03
N PRO D 112 -14.78 13.14 7.76
CA PRO D 112 -15.23 12.30 6.64
C PRO D 112 -14.64 10.88 6.64
N LEU D 113 -13.37 10.74 7.07
CA LEU D 113 -12.71 9.42 7.13
C LEU D 113 -13.45 8.47 8.07
N ARG D 114 -13.81 9.00 9.25
CA ARG D 114 -14.58 8.23 10.23
C ARG D 114 -15.99 7.92 9.75
N VAL D 115 -16.61 8.89 9.07
CA VAL D 115 -17.95 8.62 8.54
C VAL D 115 -17.84 7.48 7.54
N ALA D 116 -16.87 7.61 6.62
CA ALA D 116 -16.60 6.60 5.60
C ALA D 116 -16.34 5.24 6.23
N LYS D 117 -15.47 5.22 7.23
CA LYS D 117 -15.11 3.94 7.83
C LYS D 117 -16.31 3.29 8.49
N GLU D 118 -17.08 4.07 9.22
CA GLU D 118 -18.23 3.52 9.95
C GLU D 118 -19.35 3.07 9.01
N ILE D 119 -19.65 3.90 8.00
CA ILE D 119 -20.68 3.58 7.03
C ILE D 119 -20.30 2.37 6.18
N ALA D 120 -19.03 2.29 5.76
CA ALA D 120 -18.58 1.13 4.99
C ALA D 120 -18.69 -0.15 5.84
N THR D 121 -18.34 -0.03 7.11
CA THR D 121 -18.45 -1.17 8.01
C THR D 121 -19.90 -1.61 8.14
N LEU D 122 -20.79 -0.65 8.44
CA LEU D 122 -22.21 -0.95 8.59
C LEU D 122 -22.76 -1.60 7.33
N ASP D 123 -22.41 -1.04 6.18
CA ASP D 123 -22.88 -1.64 4.95
C ASP D 123 -22.38 -3.05 4.74
N GLN D 124 -21.12 -3.32 5.08
CA GLN D 124 -20.60 -4.67 5.01
C GLN D 124 -21.35 -5.62 5.94
N LEU D 125 -21.64 -5.16 7.16
CA LEU D 125 -22.34 -5.99 8.14
C LEU D 125 -23.82 -6.12 7.79
N PHE D 126 -24.41 -5.03 7.30
CA PHE D 126 -25.82 -5.03 6.95
C PHE D 126 -26.04 -4.59 5.50
N PRO D 127 -25.67 -5.46 4.54
CA PRO D 127 -25.59 -5.05 3.13
C PRO D 127 -26.89 -4.40 2.63
N GLU D 128 -26.77 -3.20 2.05
CA GLU D 128 -27.87 -2.54 1.37
C GLU D 128 -29.03 -2.15 2.32
N ARG D 129 -28.73 -1.96 3.60
CA ARG D 129 -29.74 -1.56 4.55
C ARG D 129 -29.36 -0.25 5.21
N ILE D 130 -28.40 0.47 4.63
CA ILE D 130 -27.91 1.72 5.26
C ILE D 130 -28.11 2.99 4.41
N LEU D 132 -27.44 7.14 4.20
CA LEU D 132 -26.57 8.15 4.79
C LEU D 132 -27.16 9.55 4.66
N GLY D 133 -28.00 9.93 5.61
CA GLY D 133 -28.44 11.32 5.68
C GLY D 133 -27.33 12.14 6.28
N VAL D 134 -27.09 13.31 5.70
CA VAL D 134 -25.89 14.08 5.96
C VAL D 134 -26.22 15.55 6.13
N SER D 135 -25.67 16.21 7.15
CA SER D 135 -25.95 17.64 7.36
C SER D 135 -24.76 18.47 7.85
N SER D 136 -24.97 19.78 7.97
CA SER D 136 -23.92 20.68 8.44
C SER D 136 -24.01 21.02 9.93
N GLY D 137 -25.04 20.50 10.61
CA GLY D 137 -25.14 20.61 12.08
C GLY D 137 -25.83 21.83 12.66
N ASP D 138 -26.51 21.63 13.78
CA ASP D 138 -27.19 22.72 14.50
C ASP D 138 -26.93 22.73 16.03
N ARG D 139 -26.49 21.61 16.60
CA ARG D 139 -26.23 21.54 18.06
C ARG D 139 -24.99 22.35 18.43
N ARG D 140 -25.19 23.59 18.84
N ARG D 140 -25.21 23.60 18.81
CA ARG D 140 -24.07 24.50 19.08
CA ARG D 140 -24.12 24.55 19.12
C ARG D 140 -23.16 24.10 20.25
C ARG D 140 -23.18 24.09 20.24
N ALA D 141 -23.69 23.32 21.19
CA ALA D 141 -22.86 22.80 22.30
C ALA D 141 -21.85 21.75 21.81
N ASP D 142 -22.28 20.91 20.86
CA ASP D 142 -21.38 19.96 20.21
C ASP D 142 -20.26 20.68 19.48
N PHE D 143 -20.60 21.76 18.77
CA PHE D 143 -19.59 22.56 18.08
C PHE D 143 -18.53 23.05 19.06
N LYS D 144 -19.02 23.56 20.19
CA LYS D 144 -18.17 24.08 21.24
C LYS D 144 -17.28 23.00 21.87
N ALA D 145 -17.86 21.85 22.18
CA ALA D 145 -17.12 20.80 22.87
C ALA D 145 -16.04 20.20 21.95
N LEU D 146 -16.35 20.08 20.66
CA LEU D 146 -15.43 19.49 19.70
C LEU D 146 -14.42 20.50 19.15
N GLY D 147 -14.61 21.78 19.46
CA GLY D 147 -13.66 22.81 19.05
C GLY D 147 -13.74 23.15 17.59
N VAL D 148 -14.94 23.04 17.03
CA VAL D 148 -15.19 23.35 15.62
C VAL D 148 -15.99 24.65 15.53
N SER D 149 -15.57 25.54 14.64
CA SER D 149 -16.29 26.78 14.40
C SER D 149 -17.65 26.56 13.73
N HIS D 150 -18.71 26.99 14.41
CA HIS D 150 -20.09 26.98 13.89
C HIS D 150 -20.24 27.92 12.69
N GLU D 151 -19.58 29.07 12.75
CA GLU D 151 -19.72 30.11 11.74
C GLU D 151 -19.40 29.59 10.34
N THR D 152 -18.35 28.79 10.22
CA THR D 152 -17.92 28.31 8.91
C THR D 152 -18.33 26.86 8.63
N ARG D 153 -19.43 26.40 9.22
CA ARG D 153 -19.85 25.01 9.05
C ARG D 153 -20.18 24.65 7.61
N GLY D 154 -20.66 25.62 6.84
CA GLY D 154 -21.10 25.39 5.47
C GLY D 154 -19.97 25.11 4.50
N GLU D 155 -18.86 25.83 4.64
N GLU D 155 -18.88 25.85 4.70
CA GLU D 155 -17.67 25.53 3.84
CA GLU D 155 -17.62 25.69 3.99
C GLU D 155 -17.06 24.22 4.32
C GLU D 155 -17.03 24.31 4.34
N LYS D 156 -17.05 24.00 5.63
CA LYS D 156 -16.57 22.73 6.16
C LYS D 156 -17.40 21.55 5.66
N PHE D 157 -18.72 21.75 5.57
CA PHE D 157 -19.60 20.74 5.02
C PHE D 157 -19.21 20.35 3.59
N ARG D 158 -18.98 21.35 2.73
CA ARG D 158 -18.57 21.12 1.33
C ARG D 158 -17.23 20.36 1.22
N GLU D 159 -16.28 20.77 2.04
CA GLU D 159 -14.97 20.17 2.10
C GLU D 159 -15.10 18.71 2.57
N ALA D 160 -15.82 18.48 3.67
CA ALA D 160 -16.00 17.14 4.19
C ALA D 160 -16.75 16.23 3.23
N PHE D 161 -17.81 16.76 2.61
CA PHE D 161 -18.60 16.01 1.65
C PHE D 161 -17.72 15.53 0.49
N ALA D 162 -16.87 16.41 -0.01
CA ALA D 162 -16.02 16.03 -1.14
C ALA D 162 -15.05 14.90 -0.72
N TYR D 163 -14.42 15.09 0.44
CA TYR D 163 -13.50 14.10 1.01
C TYR D 163 -14.22 12.75 1.15
N LEU D 164 -15.41 12.77 1.77
CA LEU D 164 -16.22 11.57 2.03
C LEU D 164 -16.37 10.69 0.81
N GLU D 165 -16.73 11.32 -0.29
CA GLU D 165 -17.09 10.64 -1.50
C GLU D 165 -15.82 10.06 -2.16
N GLU D 166 -14.69 10.77 -2.10
N GLU D 166 -14.71 10.77 -2.05
CA GLU D 166 -13.45 10.20 -2.60
CA GLU D 166 -13.42 10.33 -2.55
C GLU D 166 -13.00 8.99 -1.78
C GLU D 166 -12.89 9.10 -1.79
N ILE D 167 -12.94 9.16 -0.46
CA ILE D 167 -12.42 8.10 0.39
C ILE D 167 -13.31 6.86 0.45
N LEU D 168 -14.62 7.05 0.37
CA LEU D 168 -15.57 5.94 0.48
C LEU D 168 -15.54 5.03 -0.73
N TYR D 169 -15.24 5.58 -1.90
CA TYR D 169 -15.47 4.85 -3.12
C TYR D 169 -14.21 4.58 -3.94
N LYS D 170 -13.14 5.34 -3.71
CA LYS D 170 -11.97 5.18 -4.59
C LYS D 170 -10.86 4.31 -4.03
N ASN D 171 -10.22 3.55 -4.92
CA ASN D 171 -9.09 2.71 -4.61
C ASN D 171 -7.85 3.57 -4.51
N PHE D 172 -7.19 3.61 -3.36
CA PHE D 172 -6.02 4.48 -3.16
C PHE D 172 -6.16 5.91 -3.72
N PRO D 173 -7.11 6.69 -3.19
CA PRO D 173 -7.31 8.01 -3.79
C PRO D 173 -6.23 8.98 -3.36
N SER D 174 -6.08 10.04 -4.15
CA SER D 174 -5.16 11.10 -3.81
C SER D 174 -5.99 12.26 -3.27
N ILE D 175 -5.84 12.56 -1.99
CA ILE D 175 -6.67 13.54 -1.31
C ILE D 175 -5.79 14.59 -0.64
N GLN D 176 -6.06 15.85 -0.95
CA GLN D 176 -5.30 16.96 -0.38
C GLN D 176 -6.31 18.00 0.06
N SER D 177 -6.70 17.92 1.32
CA SER D 177 -7.82 18.66 1.84
C SER D 177 -7.39 19.41 3.09
N THR D 178 -8.14 20.45 3.46
CA THR D 178 -7.90 21.13 4.71
C THR D 178 -8.14 20.19 5.88
N LEU D 179 -8.80 19.07 5.63
CA LEU D 179 -9.17 18.14 6.69
C LEU D 179 -8.17 17.00 6.92
N GLY D 180 -7.16 16.91 6.05
CA GLY D 180 -6.17 15.84 6.08
C GLY D 180 -5.75 15.49 4.68
N GLU D 181 -4.86 14.52 4.55
CA GLU D 181 -4.40 14.10 3.25
C GLU D 181 -4.16 12.60 3.17
N VAL D 182 -4.42 12.03 2.00
CA VAL D 182 -4.07 10.65 1.75
C VAL D 182 -3.33 10.49 0.42
N HIS D 183 -2.15 9.88 0.50
CA HIS D 183 -1.29 9.68 -0.67
C HIS D 183 -0.57 8.36 -0.50
N GLY D 184 -1.25 7.26 -0.79
CA GLY D 184 -0.65 5.96 -0.63
C GLY D 184 -1.45 5.04 0.25
N ALA D 185 -2.50 5.57 0.89
CA ALA D 185 -3.37 4.74 1.76
C ALA D 185 -4.74 4.49 1.12
N ASN D 186 -5.48 3.51 1.64
CA ASN D 186 -6.72 3.07 1.05
C ASN D 186 -7.73 2.72 2.13
N LEU D 187 -8.99 3.11 1.96
CA LEU D 187 -10.01 2.74 2.92
C LEU D 187 -10.41 1.29 2.77
N VAL D 188 -10.41 0.58 3.89
CA VAL D 188 -11.08 -0.70 3.97
C VAL D 188 -12.03 -0.68 5.19
N PRO D 189 -13.18 -1.38 5.09
CA PRO D 189 -13.65 -2.06 3.87
C PRO D 189 -14.32 -1.01 2.97
N LYS D 190 -14.81 -1.40 1.81
CA LYS D 190 -15.64 -0.48 1.01
C LYS D 190 -17.04 -1.05 1.07
N PRO D 191 -18.06 -0.19 0.90
CA PRO D 191 -19.41 -0.74 0.79
C PRO D 191 -19.49 -1.50 -0.52
N SER D 192 -20.27 -2.57 -0.55
N SER D 192 -20.24 -2.59 -0.59
CA SER D 192 -20.36 -3.42 -1.74
CA SER D 192 -20.25 -3.34 -1.84
C SER D 192 -21.09 -2.74 -2.90
C SER D 192 -21.00 -2.59 -2.94
N LYS D 193 -22.03 -1.84 -2.54
CA LYS D 193 -22.69 -0.96 -3.51
C LYS D 193 -22.67 0.46 -2.99
N ARG D 194 -22.95 1.42 -3.87
CA ARG D 194 -23.00 2.80 -3.47
C ARG D 194 -23.99 2.94 -2.32
N VAL D 195 -23.71 3.86 -1.40
CA VAL D 195 -24.56 4.07 -0.25
C VAL D 195 -25.41 5.32 -0.50
N PRO D 196 -26.76 5.15 -0.57
CA PRO D 196 -27.71 6.26 -0.78
C PRO D 196 -27.45 7.36 0.23
N THR D 197 -27.07 8.53 -0.28
CA THR D 197 -26.57 9.61 0.55
C THR D 197 -27.42 10.83 0.30
N PHE D 198 -28.09 11.32 1.34
CA PHE D 198 -29.06 12.40 1.20
C PHE D 198 -28.67 13.63 1.96
N ILE D 199 -28.69 14.77 1.27
CA ILE D 199 -28.47 16.06 1.93
C ILE D 199 -29.70 16.40 2.77
N THR D 200 -29.47 16.89 3.99
CA THR D 200 -30.51 17.12 4.99
C THR D 200 -30.61 18.59 5.34
N GLY D 201 -31.79 19.18 5.12
CA GLY D 201 -32.00 20.61 5.29
C GLY D 201 -31.36 21.32 4.11
N PHE D 202 -30.93 22.56 4.31
CA PHE D 202 -30.14 23.26 3.30
C PHE D 202 -28.66 23.01 3.53
N SER D 203 -28.29 22.72 4.79
CA SER D 203 -26.90 22.52 5.23
C SER D 203 -26.02 23.67 4.80
N GLN D 204 -26.59 24.87 4.87
CA GLN D 204 -25.91 26.11 4.53
C GLN D 204 -25.54 26.13 3.06
N GLN D 205 -26.22 25.33 2.26
CA GLN D 205 -25.95 25.30 0.82
C GLN D 205 -27.10 25.91 0.04
N ASN D 206 -26.83 26.39 -1.17
N ASN D 206 -26.83 26.38 -1.17
CA ASN D 206 -27.92 26.79 -2.04
CA ASN D 206 -27.87 26.83 -2.09
C ASN D 206 -28.57 25.56 -2.66
C ASN D 206 -28.52 25.60 -2.75
N GLU D 208 -29.22 24.85 -5.80
CA GLU D 208 -28.45 24.35 -6.92
C GLU D 208 -27.51 23.24 -6.42
N TRP D 209 -26.85 23.48 -5.27
CA TRP D 209 -25.86 22.55 -4.73
C TRP D 209 -26.44 21.16 -4.41
N PHE D 210 -27.56 21.11 -3.68
CA PHE D 210 -28.14 19.79 -3.39
C PHE D 210 -28.98 19.17 -4.49
N ALA D 211 -29.05 19.87 -5.62
CA ALA D 211 -29.53 19.27 -6.86
C ALA D 211 -28.39 18.51 -7.58
N GLU D 212 -27.18 19.08 -7.58
N GLU D 212 -27.19 19.08 -7.55
CA GLU D 212 -26.01 18.43 -8.20
CA GLU D 212 -25.99 18.51 -8.19
C GLU D 212 -25.47 17.32 -7.29
C GLU D 212 -25.31 17.44 -7.32
N HIS D 213 -25.36 17.62 -6.00
CA HIS D 213 -24.71 16.72 -5.06
C HIS D 213 -25.66 15.87 -4.23
N GLY D 214 -25.31 14.60 -4.04
CA GLY D 214 -26.11 13.69 -3.22
C GLY D 214 -27.08 12.88 -4.05
N ASP D 215 -27.76 11.94 -3.40
CA ASP D 215 -28.67 11.05 -4.09
C ASP D 215 -30.15 11.43 -3.86
N GLY D 216 -30.38 12.52 -3.12
CA GLY D 216 -31.72 12.94 -2.74
C GLY D 216 -31.72 14.02 -1.67
N TRP D 217 -32.91 14.47 -1.31
CA TRP D 217 -33.08 15.57 -0.37
C TRP D 217 -34.05 15.23 0.76
N TYR D 219 -35.90 17.14 3.90
CA TYR D 219 -36.18 18.43 4.53
C TYR D 219 -36.97 18.27 5.84
N TYR D 220 -37.23 19.39 6.52
CA TYR D 220 -37.97 19.36 7.77
C TYR D 220 -39.50 19.28 7.60
N PRO D 221 -40.23 18.89 8.67
CA PRO D 221 -41.68 18.80 8.51
C PRO D 221 -42.30 20.16 8.14
N ARG D 222 -43.05 20.16 7.05
CA ARG D 222 -43.80 21.32 6.61
C ARG D 222 -45.17 20.82 6.11
N SER D 223 -46.12 21.74 5.98
CA SER D 223 -47.44 21.40 5.44
C SER D 223 -47.31 21.02 3.97
N PRO D 224 -48.19 20.13 3.48
CA PRO D 224 -48.12 19.78 2.06
C PRO D 224 -48.06 20.99 1.12
N VAL D 225 -48.89 22.01 1.34
CA VAL D 225 -48.88 23.16 0.43
C VAL D 225 -47.58 23.95 0.50
N HIS D 226 -47.01 24.04 1.70
CA HIS D 226 -45.73 24.72 1.89
C HIS D 226 -44.56 23.94 1.29
N GLN D 227 -44.61 22.62 1.41
CA GLN D 227 -43.53 21.76 0.90
C GLN D 227 -43.54 21.61 -0.62
N ALA D 228 -44.71 21.62 -1.24
CA ALA D 228 -44.82 21.24 -2.66
C ALA D 228 -43.98 22.10 -3.62
N GLY D 229 -43.89 23.40 -3.34
CA GLY D 229 -43.08 24.31 -4.14
C GLY D 229 -41.61 23.93 -4.09
N ALA D 230 -41.08 23.77 -2.87
CA ALA D 230 -39.72 23.29 -2.62
C ALA D 230 -39.37 21.99 -3.37
N ILE D 231 -40.18 20.94 -3.21
CA ILE D 231 -39.96 19.71 -3.96
C ILE D 231 -39.87 19.95 -5.46
N GLY D 232 -40.84 20.73 -5.98
CA GLY D 232 -40.95 20.99 -7.40
C GLY D 232 -39.76 21.76 -7.94
N GLN D 233 -39.36 22.79 -7.20
N GLN D 233 -39.35 22.80 -7.23
CA GLN D 233 -38.24 23.63 -7.58
CA GLN D 233 -38.20 23.61 -7.65
C GLN D 233 -36.93 22.80 -7.58
C GLN D 233 -36.93 22.76 -7.61
N TRP D 234 -36.73 22.05 -6.50
CA TRP D 234 -35.59 21.17 -6.36
C TRP D 234 -35.56 20.16 -7.51
N ARG D 235 -36.69 19.54 -7.84
CA ARG D 235 -36.70 18.56 -8.92
C ARG D 235 -36.46 19.14 -10.31
N GLU D 236 -36.84 20.41 -10.53
CA GLU D 236 -36.50 21.10 -11.78
C GLU D 236 -34.98 21.20 -11.90
N LEU D 237 -34.35 21.71 -10.84
CA LEU D 237 -32.90 21.79 -10.78
C LEU D 237 -32.21 20.43 -10.98
N VAL D 238 -32.75 19.36 -10.39
CA VAL D 238 -32.17 18.02 -10.57
C VAL D 238 -32.23 17.59 -12.03
N GLU D 239 -33.38 17.86 -12.67
CA GLU D 239 -33.59 17.57 -14.09
C GLU D 239 -32.61 18.34 -15.00
N ASP D 240 -32.30 19.57 -14.63
CA ASP D 240 -31.28 20.33 -15.33
C ASP D 240 -29.90 19.65 -15.28
N TYR D 241 -29.40 19.39 -14.08
CA TYR D 241 -28.05 18.83 -13.90
C TYR D 241 -27.94 17.39 -14.36
N HIS D 242 -29.00 16.60 -14.14
CA HIS D 242 -28.97 15.17 -14.46
C HIS D 242 -30.31 14.77 -15.11
N PRO D 243 -30.52 15.13 -16.39
CA PRO D 243 -31.82 14.87 -17.01
C PRO D 243 -32.22 13.41 -16.88
N ASP D 244 -33.50 13.17 -16.59
CA ASP D 244 -34.07 11.81 -16.53
C ASP D 244 -33.77 10.95 -15.28
N VAL D 245 -32.96 11.44 -14.34
CA VAL D 245 -32.72 10.63 -13.14
C VAL D 245 -33.73 10.97 -12.03
N PHE D 246 -34.21 9.93 -11.36
CA PHE D 246 -35.05 10.10 -10.18
C PHE D 246 -34.20 10.26 -8.91
N LYS D 247 -34.54 11.26 -8.11
CA LYS D 247 -33.97 11.46 -6.80
C LYS D 247 -35.11 11.63 -5.79
N PRO D 248 -35.09 10.84 -4.70
CA PRO D 248 -36.16 10.84 -3.69
C PRO D 248 -36.18 12.07 -2.80
N PHE D 249 -37.37 12.39 -2.31
CA PHE D 249 -37.55 13.41 -1.31
C PHE D 249 -38.08 12.76 -0.06
N ILE D 250 -37.47 13.08 1.07
CA ILE D 250 -37.77 12.46 2.35
C ILE D 250 -38.09 13.54 3.34
N GLN D 251 -39.03 13.27 4.23
CA GLN D 251 -39.24 14.16 5.36
C GLN D 251 -39.73 13.44 6.60
N PRO D 252 -39.40 13.99 7.77
CA PRO D 252 -39.96 13.49 9.01
C PRO D 252 -41.30 14.18 9.28
N HIS D 254 -43.86 14.70 12.98
CA HIS D 254 -44.37 14.39 14.30
C HIS D 254 -45.83 13.97 14.18
N LEU D 255 -46.15 12.80 14.72
CA LEU D 255 -47.52 12.32 14.78
C LEU D 255 -48.04 12.31 16.23
N ASP D 256 -49.28 12.75 16.38
CA ASP D 256 -50.06 12.56 17.60
C ASP D 256 -51.36 11.87 17.17
N LEU D 257 -51.34 10.54 17.17
CA LEU D 257 -52.44 9.75 16.63
C LEU D 257 -53.47 9.44 17.69
N SER D 258 -54.68 9.95 17.48
CA SER D 258 -55.73 9.84 18.47
C SER D 258 -56.49 8.50 18.38
N GLU D 259 -57.10 8.11 19.50
N GLU D 259 -57.11 8.09 19.48
CA GLU D 259 -57.94 6.90 19.61
CA GLU D 259 -57.90 6.85 19.53
C GLU D 259 -59.08 6.90 18.61
C GLU D 259 -59.10 6.90 18.61
N ASP D 260 -59.58 8.10 18.32
CA ASP D 260 -60.72 8.28 17.43
C ASP D 260 -60.30 8.30 15.95
N PRO D 261 -60.63 7.24 15.21
CA PRO D 261 -60.24 7.20 13.79
C PRO D 261 -60.76 8.38 12.97
N ASN D 262 -61.79 9.06 13.48
CA ASN D 262 -62.44 10.15 12.74
C ASN D 262 -61.94 11.55 13.11
N GLU D 263 -61.10 11.65 14.14
CA GLU D 263 -60.66 12.97 14.58
C GLU D 263 -60.05 13.80 13.46
N ARG D 264 -60.47 15.06 13.35
N ARG D 264 -60.48 15.06 13.35
N ARG D 264 -60.47 15.05 13.36
CA ARG D 264 -60.00 15.98 12.32
CA ARG D 264 -59.99 15.98 12.32
CA ARG D 264 -59.97 16.01 12.36
C ARG D 264 -58.49 16.25 12.50
C ARG D 264 -58.47 16.24 12.49
C ARG D 264 -58.45 16.21 12.51
N PRO D 265 -57.75 16.38 11.37
CA PRO D 265 -56.32 16.66 11.43
C PRO D 265 -56.08 18.11 11.81
N THR D 266 -55.35 18.32 12.90
CA THR D 266 -54.99 19.67 13.29
C THR D 266 -53.45 19.86 13.36
N PRO D 267 -52.94 20.89 12.65
CA PRO D 267 -51.50 21.22 12.75
C PRO D 267 -51.04 21.40 14.19
N ILE D 268 -49.97 20.68 14.55
CA ILE D 268 -49.17 20.86 15.79
C ILE D 268 -47.72 21.10 15.37
N ARG D 269 -46.83 21.35 16.33
CA ARG D 269 -45.45 21.66 15.95
C ARG D 269 -44.74 20.47 15.31
N LEU D 270 -44.27 20.70 14.08
CA LEU D 270 -43.55 19.70 13.27
C LEU D 270 -44.38 18.47 12.89
N GLY D 271 -45.70 18.65 12.79
CA GLY D 271 -46.58 17.56 12.40
C GLY D 271 -48.06 17.83 12.61
N TYR D 272 -48.80 16.76 12.87
CA TYR D 272 -50.25 16.78 12.98
C TYR D 272 -50.74 15.92 14.12
N ARG D 273 -51.75 16.43 14.84
CA ARG D 273 -52.62 15.64 15.69
C ARG D 273 -53.77 15.18 14.80
N THR D 274 -54.13 13.90 14.84
CA THR D 274 -55.09 13.37 13.86
C THR D 274 -55.52 11.93 14.12
N GLY D 275 -56.70 11.56 13.66
CA GLY D 275 -57.12 10.17 13.63
C GLY D 275 -56.63 9.48 12.36
N ARG D 276 -56.71 8.15 12.35
CA ARG D 276 -56.11 7.39 11.26
C ARG D 276 -56.68 7.74 9.88
N LYS D 277 -57.98 8.01 9.81
CA LYS D 277 -58.62 8.34 8.54
C LYS D 277 -57.99 9.57 7.87
N ALA D 278 -57.91 10.67 8.62
CA ALA D 278 -57.34 11.89 8.07
C ALA D 278 -55.83 11.73 7.82
N LEU D 279 -55.16 10.92 8.65
CA LEU D 279 -53.74 10.59 8.44
C LEU D 279 -53.54 10.02 7.03
N ILE D 280 -54.35 9.02 6.66
CA ILE D 280 -54.23 8.41 5.34
C ILE D 280 -54.41 9.45 4.21
N GLU D 281 -55.35 10.38 4.40
CA GLU D 281 -55.59 11.48 3.46
C GLU D 281 -54.35 12.36 3.36
N LEU D 282 -53.77 12.71 4.51
CA LEU D 282 -52.55 13.50 4.59
C LEU D 282 -51.42 12.81 3.80
N LEU D 283 -51.22 11.53 4.07
CA LEU D 283 -50.12 10.81 3.46
C LEU D 283 -50.25 10.73 1.93
N ASP D 284 -51.49 10.61 1.45
CA ASP D 284 -51.80 10.63 0.02
C ASP D 284 -51.55 12.02 -0.61
N ILE D 285 -51.76 13.06 0.15
CA ILE D 285 -51.49 14.39 -0.36
C ILE D 285 -49.97 14.57 -0.49
N TYR D 286 -49.26 14.16 0.56
CA TYR D 286 -47.79 14.21 0.55
C TYR D 286 -47.22 13.40 -0.61
N LYS D 287 -47.77 12.20 -0.77
CA LYS D 287 -47.43 11.34 -1.87
C LYS D 287 -47.61 12.07 -3.20
N SER D 288 -48.71 12.82 -3.34
CA SER D 288 -49.05 13.39 -4.64
C SER D 288 -48.20 14.61 -4.98
N ILE D 289 -47.70 15.30 -3.96
CA ILE D 289 -46.78 16.42 -4.16
C ILE D 289 -45.31 15.99 -4.31
N GLY D 290 -45.05 14.67 -4.27
CA GLY D 290 -43.73 14.08 -4.49
C GLY D 290 -42.88 13.66 -3.28
N VAL D 291 -43.49 13.48 -2.11
CA VAL D 291 -42.75 12.90 -0.98
C VAL D 291 -42.66 11.41 -1.22
N ASN D 292 -41.45 10.86 -1.07
CA ASN D 292 -41.19 9.45 -1.33
C ASN D 292 -41.03 8.62 -0.05
N HIS D 293 -40.55 9.26 1.01
CA HIS D 293 -40.43 8.60 2.30
C HIS D 293 -40.75 9.56 3.43
N LEU D 294 -41.60 9.08 4.33
CA LEU D 294 -42.05 9.86 5.45
C LEU D 294 -41.88 9.01 6.69
N PHE D 295 -41.18 9.56 7.68
CA PHE D 295 -40.91 8.78 8.86
C PHE D 295 -41.46 9.49 10.08
N LEU D 296 -42.04 8.70 10.99
CA LEU D 296 -42.92 9.21 12.05
C LEU D 296 -42.25 9.34 13.42
N ALA D 297 -42.19 10.56 13.92
CA ALA D 297 -41.75 10.79 15.29
C ALA D 297 -43.00 10.71 16.19
N LEU D 298 -43.05 9.69 17.06
CA LEU D 298 -44.17 9.53 17.97
C LEU D 298 -43.93 10.18 19.33
N PHE D 299 -42.88 11.01 19.43
CA PHE D 299 -42.42 11.60 20.70
C PHE D 299 -43.51 12.35 21.48
N ASP D 300 -44.23 13.22 20.79
N ASP D 300 -44.20 13.26 20.80
CA ASP D 300 -45.17 14.11 21.45
CA ASP D 300 -45.19 14.13 21.45
C ASP D 300 -46.62 13.60 21.48
C ASP D 300 -46.64 13.60 21.43
N GLY D 301 -46.81 12.35 21.02
CA GLY D 301 -48.13 11.69 21.05
C GLY D 301 -48.67 11.45 22.46
N GLN D 302 -49.97 11.62 22.63
CA GLN D 302 -50.64 11.43 23.93
C GLN D 302 -50.60 9.97 24.36
N ARG D 303 -50.81 9.08 23.40
CA ARG D 303 -50.83 7.64 23.64
C ARG D 303 -49.42 7.01 23.62
N PRO D 304 -49.20 5.96 24.44
CA PRO D 304 -47.93 5.23 24.37
C PRO D 304 -47.64 4.77 22.95
N ALA D 305 -46.36 4.75 22.57
CA ALA D 305 -45.94 4.44 21.20
C ALA D 305 -46.27 3.00 20.83
N ASP D 306 -46.23 2.15 21.84
N ASP D 306 -46.32 2.13 21.83
CA ASP D 306 -46.68 0.77 21.80
CA ASP D 306 -46.64 0.71 21.62
C ASP D 306 -47.90 0.58 20.89
C ASP D 306 -47.95 0.48 20.88
N GLU D 307 -49.03 1.15 21.33
CA GLU D 307 -50.34 0.99 20.68
C GLU D 307 -50.48 1.79 19.38
N VAL D 308 -49.89 2.99 19.35
CA VAL D 308 -49.85 3.80 18.14
C VAL D 308 -49.14 3.07 16.99
N LEU D 309 -47.99 2.45 17.29
CA LEU D 309 -47.29 1.67 16.28
C LEU D 309 -48.15 0.53 15.74
N ASP D 310 -48.90 -0.13 16.61
CA ASP D 310 -49.78 -1.21 16.20
C ASP D 310 -50.90 -0.73 15.28
N GLU D 311 -51.46 0.44 15.62
CA GLU D 311 -52.56 1.01 14.83
C GLU D 311 -52.07 1.33 13.42
N LEU D 312 -50.94 2.04 13.35
CA LEU D 312 -50.31 2.34 12.07
C LEU D 312 -50.04 1.08 11.26
N GLY D 313 -49.56 0.03 11.93
CA GLY D 313 -49.20 -1.18 11.23
C GLY D 313 -50.38 -1.92 10.65
N GLU D 314 -51.45 -1.93 11.43
CA GLU D 314 -52.68 -2.63 11.07
C GLU D 314 -53.54 -1.81 10.10
N GLU D 315 -53.63 -0.51 10.33
CA GLU D 315 -54.59 0.31 9.61
C GLU D 315 -54.01 1.24 8.54
N VAL D 316 -52.81 1.77 8.74
CA VAL D 316 -52.19 2.73 7.81
C VAL D 316 -51.23 2.08 6.80
N LEU D 317 -50.35 1.19 7.28
CA LEU D 317 -49.30 0.60 6.45
C LEU D 317 -49.77 -0.12 5.20
N PRO D 318 -50.90 -0.85 5.27
CA PRO D 318 -51.29 -1.51 4.02
C PRO D 318 -51.53 -0.54 2.86
N HIS D 319 -51.82 0.72 3.17
CA HIS D 319 -52.03 1.77 2.15
C HIS D 319 -50.75 2.39 1.61
N PHE D 320 -49.64 2.08 2.26
CA PHE D 320 -48.33 2.61 1.87
C PHE D 320 -47.33 1.52 2.14
N PRO D 321 -47.45 0.41 1.40
CA PRO D 321 -46.63 -0.75 1.67
C PRO D 321 -45.17 -0.57 1.25
N ALA D 322 -44.29 -1.36 1.87
CA ALA D 322 -42.92 -1.50 1.40
C ALA D 322 -42.96 -1.93 -0.06
N LEU D 323 -42.09 -1.34 -0.87
CA LEU D 323 -42.09 -1.64 -2.29
C LEU D 323 -41.39 -2.95 -2.62
#